data_9OF2
#
_entry.id   9OF2
#
_cell.length_a   1.00
_cell.length_b   1.00
_cell.length_c   1.00
_cell.angle_alpha   90.00
_cell.angle_beta   90.00
_cell.angle_gamma   90.00
#
_symmetry.space_group_name_H-M   'P 1'
#
loop_
_entity.id
_entity.type
_entity.pdbx_description
1 polymer '51-nt Hypoxia Response Element (Forward)'
2 polymer '51-nt Hypoxia Response Element (Reverse)'
3 polymer 'Endothelial PAS domain-containing protein 1'
4 polymer 'Aryl hydrocarbon receptor nuclear translocator'
#
loop_
_entity_poly.entity_id
_entity_poly.type
_entity_poly.pdbx_seq_one_letter_code
_entity_poly.pdbx_strand_id
1 'polydeoxyribonucleotide'
;(DA)(DG)(DG)(DG)(DG)(DT)(DG)(DG)(DA)(DG)(DG)(DG)(DG)(DG)(DC)(DT)(DG)(DG)(DG)(DC)
(DC)(DC)(DT)(DA)(DC)(DG)(DT)(DG)(DC)(DT)(DG)(DT)(DC)(DT)(DC)(DA)(DC)(DA)(DC)(DA)
(DG)(DC)(DC)(DT)(DG)(DT)(DC)(DT)(DG)(DA)(DC)
;
A
2 'polydeoxyribonucleotide'
;(DG)(DT)(DC)(DA)(DG)(DA)(DC)(DA)(DG)(DG)(DC)(DT)(DG)(DT)(DG)(DT)(DG)(DA)(DG)(DA)
(DC)(DA)(DG)(DC)(DA)(DC)(DG)(DT)(DA)(DG)(DG)(DG)(DC)(DC)(DC)(DA)(DG)(DC)(DC)(DC)
(DC)(DC)(DT)(DC)(DC)(DA)(DC)(DC)(DC)(DC)(DT)
;
B
3 'polypeptide(L)'
;MGSSHHHHHHSQDPGKEKKRSSSERRKEKSRDAARCRRSKETEVFYELAHELPLPHSVSSHLDKASIMRLAISFLRTHKL
LSSVCSENESEAEADQQMDNLYLKALEGFIAVVTQDGDMIFLSENISKFMGLTQVELTGHSIFDFTHPCDHEEIRENLSL
KNGSGFGKKSKDMSTERDFFMRMKCTVTNRGRTVNLKSATWKVLHCTGQVKVYNNCPPHNSLCGYKEPLLSCLIIMCEPI
QHPSHMDIPLDSKTFLSRHSMDMKFTYCDDRITELIGYHPEELLGRSAYEFYHALDSENMTKSHQNLCTKGQVVSGQYRM
LAKHGGYVWLETQGTVIYNPRNLQPQCIMCVNYVLSEIEKNDVVFSMDQTES
;
C,E
4 'polypeptide(L)'
;MRENHSEIERRRRNKMTAYITELSDMVPTCSALARKPDKLTILRMAVSHMKSLRGTGNTSTDGSYKPSFLTDQELKHLIL
EAADGFLFIVSCETGRVVYVSDSVTPVLNQPQSEWFGSTLYDQVHPDDVDKLREQLSTSENALTGRILDLKTGTVKKEGQ
QSSMRMCMGSRRSFICRMRCGSSSVDPVSVNRLSFVRNRCRNGLGSVKDGEPHFVVVHCTGYIKAWPPAGVSLPDDDPEA
GQGSKFCLVAIGRLQVTSSPNCTDMSNVCQPTEFISRHNIEGIFTFVDHRCVATVGYQPQELLGKNIVEFCHPEDQQLLR
DSFQQVVKLKGQVLSVMFRFRSKNQEWLWMRTSSFTFQNPYSDEIEYIICTNTNVKNSSQE
;
D,F
#
loop_
_chem_comp.id
_chem_comp.type
_chem_comp.name
_chem_comp.formula
DA DNA linking 2'-DEOXYADENOSINE-5'-MONOPHOSPHATE 'C10 H14 N5 O6 P'
DC DNA linking 2'-DEOXYCYTIDINE-5'-MONOPHOSPHATE 'C9 H14 N3 O7 P'
DG DNA linking 2'-DEOXYGUANOSINE-5'-MONOPHOSPHATE 'C10 H14 N5 O7 P'
DT DNA linking THYMIDINE-5'-MONOPHOSPHATE 'C10 H15 N2 O8 P'
#
# COMPACT_ATOMS: atom_id res chain seq x y z
N ARG C 26 45.42 -8.17 40.09
CA ARG C 26 44.01 -8.38 39.77
C ARG C 26 43.76 -8.18 38.27
N LYS C 27 44.20 -7.02 37.76
CA LYS C 27 44.01 -6.75 36.34
C LYS C 27 44.79 -7.73 35.48
N GLU C 28 46.01 -8.06 35.89
CA GLU C 28 46.85 -8.95 35.10
C GLU C 28 46.20 -10.31 34.88
N LYS C 29 45.62 -10.88 35.93
CA LYS C 29 44.98 -12.18 35.80
C LYS C 29 43.63 -12.07 35.09
N SER C 30 42.90 -10.99 35.33
CA SER C 30 41.58 -10.84 34.71
C SER C 30 41.68 -10.78 33.19
N ARG C 31 42.66 -10.03 32.68
CA ARG C 31 42.80 -9.89 31.23
C ARG C 31 43.18 -11.21 30.58
N ASP C 32 44.01 -12.00 31.26
CA ASP C 32 44.48 -13.26 30.66
C ASP C 32 43.32 -14.20 30.37
N ALA C 33 42.36 -14.29 31.29
CA ALA C 33 41.22 -15.18 31.08
C ALA C 33 40.41 -14.76 29.87
N ALA C 34 40.25 -13.44 29.67
CA ALA C 34 39.47 -12.96 28.54
C ALA C 34 40.10 -13.37 27.21
N ARG C 35 41.43 -13.31 27.13
CA ARG C 35 42.11 -13.72 25.89
C ARG C 35 41.85 -15.19 25.59
N CYS C 36 41.96 -16.04 26.61
CA CYS C 36 41.71 -17.46 26.40
C CYS C 36 40.26 -17.71 26.01
N ARG C 37 39.32 -17.00 26.63
CA ARG C 37 37.92 -17.16 26.28
C ARG C 37 37.66 -16.77 24.84
N ARG C 38 38.26 -15.65 24.42
CA ARG C 38 38.09 -15.21 23.05
C ARG C 38 38.65 -16.24 22.09
N SER C 39 39.86 -16.71 22.37
CA SER C 39 40.49 -17.70 21.50
C SER C 39 39.64 -18.95 21.38
N LYS C 40 39.10 -19.43 22.50
CA LYS C 40 38.26 -20.62 22.48
C LYS C 40 37.00 -20.37 21.67
N GLU C 41 36.37 -19.19 21.84
CA GLU C 41 35.17 -18.88 21.09
C GLU C 41 35.45 -18.86 19.59
N THR C 42 36.56 -18.22 19.19
CA THR C 42 36.89 -18.17 17.77
C THR C 42 37.18 -19.56 17.23
N GLU C 43 37.90 -20.38 17.99
CA GLU C 43 38.20 -21.74 17.54
C GLU C 43 36.91 -22.54 17.34
N VAL C 44 35.99 -22.45 18.29
CA VAL C 44 34.72 -23.17 18.17
C VAL C 44 33.92 -22.65 16.99
N PHE C 45 33.90 -21.33 16.79
CA PHE C 45 33.15 -20.76 15.68
C PHE C 45 33.68 -21.26 14.34
N TYR C 46 35.00 -21.25 14.18
CA TYR C 46 35.58 -21.69 12.91
C TYR C 46 35.54 -23.21 12.75
N GLU C 47 35.43 -23.96 13.85
CA GLU C 47 35.22 -25.40 13.73
C GLU C 47 33.78 -25.74 13.36
N LEU C 48 32.81 -24.93 13.81
CA LEU C 48 31.43 -25.18 13.46
C LEU C 48 31.20 -25.05 11.96
N ALA C 49 31.81 -24.05 11.33
CA ALA C 49 31.57 -23.82 9.90
C ALA C 49 31.96 -25.03 9.07
N HIS C 50 32.90 -25.84 9.54
CA HIS C 50 33.32 -27.01 8.78
C HIS C 50 32.18 -28.01 8.62
N GLU C 51 31.23 -28.03 9.56
CA GLU C 51 30.14 -29.00 9.50
C GLU C 51 29.13 -28.68 8.41
N LEU C 52 29.04 -27.43 7.97
CA LEU C 52 28.04 -27.06 6.98
C LEU C 52 28.31 -27.79 5.67
N PRO C 53 27.25 -28.07 4.88
CA PRO C 53 27.44 -28.78 3.60
C PRO C 53 27.89 -27.86 2.49
N LEU C 54 29.05 -27.22 2.69
CA LEU C 54 29.64 -26.30 1.74
C LEU C 54 31.11 -26.65 1.55
N PRO C 55 31.69 -26.30 0.40
CA PRO C 55 33.12 -26.56 0.21
C PRO C 55 33.97 -25.82 1.24
N HIS C 56 35.08 -26.44 1.62
CA HIS C 56 35.94 -25.87 2.64
C HIS C 56 36.44 -24.49 2.25
N SER C 57 36.65 -24.26 0.96
CA SER C 57 37.13 -22.97 0.49
C SER C 57 36.22 -21.87 0.97
N VAL C 58 34.95 -21.94 0.59
CA VAL C 58 33.99 -20.89 0.94
C VAL C 58 33.78 -20.85 2.45
N SER C 59 33.77 -22.02 3.09
CA SER C 59 33.49 -22.07 4.53
C SER C 59 34.57 -21.36 5.34
N SER C 60 35.83 -21.50 4.94
CA SER C 60 36.94 -21.01 5.76
C SER C 60 36.85 -19.50 5.96
N HIS C 61 36.52 -18.77 4.90
CA HIS C 61 36.55 -17.31 4.98
C HIS C 61 35.24 -16.70 5.46
N LEU C 62 34.23 -17.53 5.65
CA LEU C 62 32.94 -17.02 6.09
C LEU C 62 33.07 -16.32 7.44
N ASP C 63 32.36 -15.21 7.58
CA ASP C 63 32.36 -14.49 8.84
C ASP C 63 31.52 -15.23 9.86
N LYS C 64 31.62 -14.82 11.11
CA LYS C 64 30.90 -15.52 12.17
C LYS C 64 29.40 -15.41 11.99
N ALA C 65 28.90 -14.19 11.69
CA ALA C 65 27.46 -14.00 11.54
C ALA C 65 26.91 -14.86 10.41
N SER C 66 27.62 -14.94 9.29
CA SER C 66 27.17 -15.78 8.19
C SER C 66 27.14 -17.25 8.60
N ILE C 67 28.14 -17.69 9.37
CA ILE C 67 28.16 -19.07 9.83
C ILE C 67 26.94 -19.36 10.70
N MET C 68 26.64 -18.45 11.63
CA MET C 68 25.47 -18.65 12.49
C MET C 68 24.19 -18.68 11.66
N ARG C 69 24.06 -17.77 10.71
CA ARG C 69 22.85 -17.72 9.88
C ARG C 69 22.69 -19.00 9.07
N LEU C 70 23.77 -19.48 8.47
CA LEU C 70 23.70 -20.70 7.68
C LEU C 70 23.35 -21.90 8.55
N ALA C 71 23.93 -21.99 9.76
CA ALA C 71 23.60 -23.08 10.65
C ALA C 71 22.13 -23.05 11.03
N ILE C 72 21.61 -21.87 11.36
CA ILE C 72 20.20 -21.75 11.73
C ILE C 72 19.32 -22.17 10.57
N SER C 73 19.64 -21.69 9.37
CA SER C 73 18.84 -22.02 8.20
C SER C 73 18.85 -23.51 7.95
N PHE C 74 20.03 -24.13 7.99
CA PHE C 74 20.14 -25.57 7.74
C PHE C 74 19.32 -26.36 8.75
N LEU C 75 19.44 -26.01 10.03
CA LEU C 75 18.68 -26.73 11.06
C LEU C 75 17.19 -26.59 10.82
N ARG C 76 16.72 -25.38 10.54
CA ARG C 76 15.29 -25.15 10.36
C ARG C 76 14.77 -25.93 9.15
N THR C 77 15.50 -25.88 8.04
CA THR C 77 15.05 -26.55 6.83
C THR C 77 15.06 -28.06 7.00
N HIS C 78 16.07 -28.60 7.68
CA HIS C 78 16.10 -30.03 7.93
C HIS C 78 14.95 -30.45 8.85
N LYS C 79 14.65 -29.64 9.86
CA LYS C 79 13.52 -29.95 10.73
C LYS C 79 12.21 -29.97 9.94
N LEU C 80 12.01 -28.98 9.07
CA LEU C 80 10.79 -28.94 8.27
C LEU C 80 10.70 -30.17 7.38
N LEU C 81 11.80 -30.52 6.71
CA LEU C 81 11.78 -31.66 5.81
C LEU C 81 11.50 -32.95 6.56
N SER C 82 12.11 -33.13 7.73
CA SER C 82 11.86 -34.33 8.53
C SER C 82 10.44 -34.38 9.05
N SER C 83 9.86 -33.24 9.39
CA SER C 83 8.53 -33.22 9.97
C SER C 83 7.44 -33.45 8.92
N VAL C 84 7.39 -32.59 7.91
CA VAL C 84 6.29 -32.62 6.95
C VAL C 84 6.66 -33.48 5.75
N CYS C 85 7.69 -33.08 5.01
CA CYS C 85 8.09 -33.78 3.79
C CYS C 85 8.81 -35.08 4.16
N SER C 86 8.06 -36.01 4.73
CA SER C 86 8.67 -37.27 5.15
C SER C 86 9.85 -36.98 6.08
N GLN C 96 14.42 -42.20 -8.74
CA GLN C 96 15.70 -41.69 -8.25
C GLN C 96 16.81 -41.83 -9.28
N GLN C 97 16.63 -42.69 -10.28
CA GLN C 97 17.64 -42.80 -11.34
C GLN C 97 17.75 -41.50 -12.11
N MET C 98 16.63 -40.86 -12.42
CA MET C 98 16.57 -39.57 -13.10
C MET C 98 15.87 -38.60 -12.14
N ASP C 99 16.66 -38.00 -11.25
CA ASP C 99 16.12 -37.08 -10.26
C ASP C 99 16.77 -35.70 -10.33
N ASN C 100 18.09 -35.64 -10.56
CA ASN C 100 18.77 -34.34 -10.59
C ASN C 100 18.22 -33.43 -11.67
N LEU C 101 17.57 -33.98 -12.70
CA LEU C 101 17.03 -33.17 -13.78
C LEU C 101 15.85 -32.31 -13.35
N TYR C 102 15.26 -32.58 -12.18
CA TYR C 102 14.09 -31.83 -11.75
C TYR C 102 14.38 -30.34 -11.67
N LEU C 103 15.44 -29.97 -10.96
CA LEU C 103 15.74 -28.55 -10.78
C LEU C 103 16.08 -27.89 -12.11
N LYS C 104 16.86 -28.56 -12.95
CA LYS C 104 17.24 -27.96 -14.23
C LYS C 104 16.04 -27.76 -15.13
N ALA C 105 15.10 -28.71 -15.15
CA ALA C 105 13.91 -28.57 -15.96
C ALA C 105 13.08 -27.37 -15.52
N LEU C 106 12.93 -27.18 -14.21
CA LEU C 106 12.15 -26.07 -13.68
C LEU C 106 12.76 -24.74 -14.11
N GLU C 107 11.90 -23.81 -14.50
CA GLU C 107 12.32 -22.51 -15.01
C GLU C 107 12.36 -21.43 -13.95
N GLY C 108 12.11 -21.77 -12.69
CA GLY C 108 12.16 -20.81 -11.60
C GLY C 108 13.18 -21.19 -10.54
N PHE C 109 12.90 -20.85 -9.29
CA PHE C 109 13.76 -21.26 -8.18
C PHE C 109 12.93 -21.33 -6.92
N ILE C 110 13.03 -22.46 -6.21
CA ILE C 110 12.29 -22.65 -4.97
C ILE C 110 12.82 -21.71 -3.91
N ALA C 111 11.94 -21.31 -2.99
CA ALA C 111 12.34 -20.41 -1.90
C ALA C 111 11.36 -20.60 -0.75
N VAL C 112 11.81 -21.24 0.32
CA VAL C 112 10.97 -21.43 1.50
C VAL C 112 11.06 -20.20 2.38
N VAL C 113 9.91 -19.71 2.83
CA VAL C 113 9.81 -18.51 3.66
C VAL C 113 9.00 -18.85 4.89
N THR C 114 9.52 -18.49 6.06
CA THR C 114 8.84 -18.73 7.32
C THR C 114 7.79 -17.64 7.56
N GLN C 115 7.13 -17.72 8.71
CA GLN C 115 6.09 -16.75 9.05
C GLN C 115 6.66 -15.42 9.52
N ASP C 116 7.94 -15.36 9.86
CA ASP C 116 8.58 -14.12 10.29
C ASP C 116 9.26 -13.38 9.14
N GLY C 117 9.14 -13.89 7.91
CA GLY C 117 9.80 -13.30 6.77
C GLY C 117 11.19 -13.83 6.48
N ASP C 118 11.72 -14.69 7.34
CA ASP C 118 13.04 -15.26 7.12
C ASP C 118 12.99 -16.30 6.00
N MET C 119 14.03 -16.30 5.17
CA MET C 119 14.19 -17.30 4.12
C MET C 119 15.12 -18.39 4.64
N ILE C 120 14.56 -19.57 4.93
CA ILE C 120 15.35 -20.66 5.48
C ILE C 120 15.99 -21.53 4.41
N PHE C 121 15.65 -21.33 3.14
CA PHE C 121 16.30 -22.07 2.06
C PHE C 121 15.97 -21.45 0.71
N LEU C 122 16.99 -21.24 -0.11
CA LEU C 122 16.83 -20.74 -1.47
C LEU C 122 17.47 -21.74 -2.44
N SER C 123 16.80 -21.96 -3.57
CA SER C 123 17.32 -22.90 -4.55
C SER C 123 18.68 -22.45 -5.05
N GLU C 124 19.58 -23.42 -5.28
CA GLU C 124 20.93 -23.10 -5.70
C GLU C 124 20.95 -22.33 -7.01
N ASN C 125 19.95 -22.53 -7.87
CA ASN C 125 19.91 -21.92 -9.19
C ASN C 125 19.37 -20.49 -9.17
N ILE C 126 19.32 -19.84 -8.00
CA ILE C 126 18.86 -18.46 -7.96
C ILE C 126 19.91 -17.50 -8.50
N SER C 127 21.17 -17.94 -8.60
CA SER C 127 22.22 -17.07 -9.09
C SER C 127 21.96 -16.64 -10.54
N LYS C 128 21.48 -17.56 -11.37
CA LYS C 128 21.27 -17.24 -12.78
C LYS C 128 20.25 -16.13 -12.96
N PHE C 129 19.15 -16.19 -12.21
CA PHE C 129 18.07 -15.22 -12.40
C PHE C 129 18.39 -13.87 -11.78
N MET C 130 19.08 -13.85 -10.64
CA MET C 130 19.32 -12.62 -9.90
C MET C 130 20.76 -12.39 -9.49
N GLY C 131 21.67 -13.30 -9.83
CA GLY C 131 23.08 -13.10 -9.47
C GLY C 131 23.39 -13.39 -8.01
N LEU C 132 22.60 -12.85 -7.09
CA LEU C 132 22.81 -13.09 -5.67
C LEU C 132 22.92 -14.58 -5.40
N THR C 133 24.09 -15.00 -4.92
CA THR C 133 24.35 -16.41 -4.70
C THR C 133 23.54 -16.91 -3.50
N GLN C 134 23.38 -18.24 -3.45
CA GLN C 134 22.62 -18.84 -2.36
C GLN C 134 23.25 -18.53 -1.00
N VAL C 135 24.58 -18.59 -0.92
CA VAL C 135 25.26 -18.38 0.36
C VAL C 135 25.00 -16.98 0.89
N GLU C 136 25.09 -15.98 0.02
CA GLU C 136 24.95 -14.60 0.48
C GLU C 136 23.54 -14.31 0.99
N LEU C 137 22.52 -14.83 0.30
CA LEU C 137 21.14 -14.43 0.57
C LEU C 137 20.44 -15.34 1.57
N THR C 138 20.83 -16.59 1.64
CA THR C 138 20.12 -17.52 2.51
C THR C 138 20.12 -17.09 3.96
N GLY C 139 18.95 -17.09 4.59
CA GLY C 139 18.79 -16.73 5.98
C GLY C 139 18.42 -15.27 6.24
N HIS C 140 18.60 -14.39 5.26
CA HIS C 140 18.27 -12.99 5.44
C HIS C 140 16.76 -12.78 5.40
N SER C 141 16.31 -11.71 6.04
CA SER C 141 14.90 -11.38 6.06
C SER C 141 14.42 -11.04 4.64
N ILE C 142 13.24 -11.55 4.29
CA ILE C 142 12.70 -11.31 2.95
C ILE C 142 12.34 -9.85 2.76
N PHE C 143 11.86 -9.19 3.82
CA PHE C 143 11.45 -7.79 3.69
C PHE C 143 12.62 -6.88 3.33
N ASP C 144 13.86 -7.33 3.56
CA ASP C 144 15.02 -6.52 3.21
C ASP C 144 15.39 -6.61 1.74
N PHE C 145 14.85 -7.57 1.00
CA PHE C 145 15.16 -7.78 -0.41
C PHE C 145 13.90 -7.70 -1.27
N THR C 146 13.05 -6.72 -0.97
CA THR C 146 11.82 -6.51 -1.74
C THR C 146 11.46 -5.04 -1.69
N HIS C 147 10.66 -4.62 -2.66
CA HIS C 147 10.23 -3.23 -2.72
C HIS C 147 9.43 -2.89 -1.46
N PRO C 148 9.67 -1.74 -0.82
CA PRO C 148 8.93 -1.43 0.41
C PRO C 148 7.42 -1.38 0.20
N CYS C 149 6.95 -0.99 -0.99
CA CYS C 149 5.52 -0.93 -1.26
C CYS C 149 4.87 -2.30 -1.30
N ASP C 150 5.66 -3.38 -1.37
CA ASP C 150 5.13 -4.74 -1.44
C ASP C 150 5.36 -5.51 -0.15
N HIS C 151 5.47 -4.81 0.98
CA HIS C 151 5.63 -5.44 2.28
C HIS C 151 4.31 -5.78 2.94
N GLU C 152 3.18 -5.42 2.32
CA GLU C 152 1.86 -5.78 2.84
C GLU C 152 1.29 -7.02 2.18
N GLU C 153 1.51 -7.16 0.88
CA GLU C 153 1.06 -8.33 0.17
C GLU C 153 1.72 -9.55 0.75
N ILE C 154 3.04 -9.51 0.89
CA ILE C 154 3.79 -10.63 1.44
C ILE C 154 3.33 -10.95 2.85
N ARG C 155 3.11 -9.92 3.67
CA ARG C 155 2.65 -10.14 5.04
C ARG C 155 1.31 -10.84 5.06
N GLU C 156 0.38 -10.41 4.21
CA GLU C 156 -0.93 -11.05 4.15
C GLU C 156 -0.80 -12.49 3.68
N ASN C 157 0.00 -12.74 2.64
CA ASN C 157 0.09 -14.08 2.07
C ASN C 157 0.75 -15.06 3.04
N LEU C 158 1.78 -14.62 3.76
CA LEU C 158 2.50 -15.53 4.64
C LEU C 158 1.60 -16.06 5.75
N SER C 159 0.79 -15.19 6.34
CA SER C 159 -0.09 -15.58 7.43
C SER C 159 -1.41 -16.11 6.89
N LEU C 160 -1.88 -17.20 7.49
CA LEU C 160 -3.13 -17.82 7.07
C LEU C 160 -4.28 -16.84 7.19
N SER C 174 -8.37 -23.83 1.91
CA SER C 174 -7.79 -22.61 1.35
C SER C 174 -6.32 -22.46 1.77
N THR C 175 -5.45 -23.21 1.11
CA THR C 175 -4.01 -23.18 1.37
C THR C 175 -3.24 -23.07 0.07
N GLU C 176 -3.67 -22.17 -0.80
CA GLU C 176 -3.01 -21.91 -2.07
C GLU C 176 -2.71 -20.41 -2.17
N ARG C 177 -1.56 -20.09 -2.75
CA ARG C 177 -1.11 -18.71 -2.89
C ARG C 177 -0.70 -18.44 -4.33
N ASP C 178 -1.09 -17.27 -4.84
CA ASP C 178 -0.74 -16.87 -6.20
C ASP C 178 -0.71 -15.34 -6.21
N PHE C 179 0.49 -14.77 -6.17
CA PHE C 179 0.65 -13.33 -6.03
C PHE C 179 1.96 -12.91 -6.69
N PHE C 180 2.05 -11.60 -6.95
CA PHE C 180 3.24 -11.00 -7.55
C PHE C 180 4.05 -10.28 -6.49
N MET C 181 5.36 -10.23 -6.71
CA MET C 181 6.27 -9.52 -5.80
C MET C 181 7.41 -8.93 -6.60
N ARG C 182 8.03 -7.90 -6.04
CA ARG C 182 9.17 -7.23 -6.65
C ARG C 182 10.40 -7.53 -5.82
N MET C 183 11.42 -8.13 -6.44
CA MET C 183 12.63 -8.56 -5.75
C MET C 183 13.84 -7.91 -6.39
N LYS C 184 14.81 -7.56 -5.55
CA LYS C 184 16.03 -6.92 -6.03
C LYS C 184 16.84 -7.87 -6.89
N CYS C 185 17.53 -7.30 -7.89
CA CYS C 185 18.36 -8.09 -8.76
C CYS C 185 19.66 -7.36 -9.03
N THR C 186 20.71 -8.08 -9.39
CA THR C 186 22.02 -7.52 -9.65
C THR C 186 22.60 -8.00 -10.98
N VAL C 187 21.79 -8.61 -11.85
CA VAL C 187 22.24 -9.10 -13.15
C VAL C 187 21.44 -8.38 -14.23
N THR C 188 22.15 -7.81 -15.20
CA THR C 188 21.51 -7.09 -16.29
C THR C 188 21.16 -8.07 -17.41
N ASN C 189 20.77 -7.55 -18.56
CA ASN C 189 20.38 -8.40 -19.68
C ASN C 189 21.58 -9.14 -20.23
N ARG C 190 21.38 -10.42 -20.57
CA ARG C 190 22.40 -11.28 -21.16
C ARG C 190 23.44 -11.70 -20.14
N GLY C 191 23.38 -11.13 -18.93
CA GLY C 191 24.25 -11.54 -17.85
C GLY C 191 25.45 -10.65 -17.66
N ARG C 192 25.36 -9.76 -16.66
CA ARG C 192 26.46 -8.89 -16.33
C ARG C 192 26.35 -8.53 -14.85
N THR C 193 27.13 -9.20 -14.02
CA THR C 193 27.06 -8.94 -12.58
C THR C 193 27.56 -7.53 -12.27
N VAL C 194 26.89 -6.87 -11.33
CA VAL C 194 27.22 -5.53 -10.90
C VAL C 194 27.10 -5.46 -9.38
N ASN C 195 27.40 -4.30 -8.82
CA ASN C 195 27.32 -4.12 -7.38
C ASN C 195 25.86 -4.06 -6.91
N LEU C 196 25.68 -4.22 -5.60
CA LEU C 196 24.34 -4.28 -5.04
C LEU C 196 23.59 -2.96 -5.26
N LYS C 197 24.28 -1.84 -5.11
CA LYS C 197 23.62 -0.54 -5.17
C LYS C 197 23.05 -0.23 -6.55
N SER C 198 23.44 -0.98 -7.58
CA SER C 198 22.93 -0.79 -8.93
C SER C 198 21.83 -1.79 -9.26
N ALA C 199 21.01 -2.14 -8.26
CA ALA C 199 19.99 -3.16 -8.45
C ALA C 199 18.78 -2.61 -9.17
N THR C 200 18.24 -3.41 -10.09
CA THR C 200 17.01 -3.09 -10.80
C THR C 200 15.94 -4.11 -10.42
N TRP C 201 14.79 -3.62 -9.98
CA TRP C 201 13.74 -4.50 -9.46
C TRP C 201 13.17 -5.38 -10.57
N LYS C 202 12.89 -6.63 -10.22
CA LYS C 202 12.26 -7.59 -11.12
C LYS C 202 10.95 -8.05 -10.51
N VAL C 203 10.00 -8.42 -11.38
CA VAL C 203 8.68 -8.88 -10.97
C VAL C 203 8.63 -10.40 -11.12
N LEU C 204 8.18 -11.09 -10.08
CA LEU C 204 8.13 -12.54 -10.06
C LEU C 204 6.69 -13.01 -9.90
N HIS C 205 6.31 -14.04 -10.65
CA HIS C 205 5.01 -14.67 -10.53
C HIS C 205 5.13 -15.78 -9.49
N CYS C 206 4.87 -15.43 -8.23
CA CYS C 206 5.06 -16.37 -7.13
C CYS C 206 3.83 -17.27 -6.99
N THR C 207 4.07 -18.57 -6.97
CA THR C 207 3.02 -19.56 -6.78
C THR C 207 3.48 -20.59 -5.77
N GLY C 208 2.53 -21.19 -5.08
CA GLY C 208 2.84 -22.20 -4.09
C GLY C 208 1.74 -22.30 -3.05
N GLN C 209 2.00 -23.13 -2.05
CA GLN C 209 1.04 -23.39 -0.98
C GLN C 209 1.75 -23.31 0.36
N VAL C 210 1.03 -22.79 1.36
CA VAL C 210 1.56 -22.73 2.73
C VAL C 210 1.58 -24.14 3.29
N LYS C 211 2.28 -24.33 4.41
CA LYS C 211 2.36 -25.64 5.05
C LYS C 211 2.71 -25.43 6.51
N VAL C 212 1.89 -25.96 7.40
CA VAL C 212 2.08 -25.82 8.84
C VAL C 212 2.73 -27.09 9.38
N TYR C 213 3.83 -26.93 10.10
CA TYR C 213 4.54 -28.04 10.72
C TYR C 213 4.55 -27.83 12.23
N ASN C 214 4.18 -28.86 12.97
CA ASN C 214 4.10 -28.74 14.42
C ASN C 214 5.46 -28.40 15.02
N ASN C 215 5.45 -27.52 16.00
CA ASN C 215 6.68 -27.10 16.67
C ASN C 215 7.26 -28.24 17.48
N LEU C 229 0.82 -21.71 15.60
CA LEU C 229 1.82 -22.72 15.28
C LEU C 229 2.72 -22.24 14.15
N LEU C 230 3.90 -22.85 14.05
CA LEU C 230 4.83 -22.47 12.99
C LEU C 230 4.28 -22.85 11.63
N SER C 231 4.46 -21.96 10.65
CA SER C 231 3.96 -22.18 9.30
C SER C 231 5.02 -21.72 8.31
N CYS C 232 5.44 -22.61 7.43
CA CYS C 232 6.45 -22.30 6.42
C CYS C 232 5.78 -22.23 5.05
N LEU C 233 6.04 -21.15 4.33
CA LEU C 233 5.49 -20.94 3.00
C LEU C 233 6.50 -21.39 1.95
N ILE C 234 6.06 -22.21 1.00
CA ILE C 234 6.89 -22.69 -0.09
C ILE C 234 6.37 -22.05 -1.37
N ILE C 235 7.26 -21.37 -2.10
CA ILE C 235 6.89 -20.65 -3.31
C ILE C 235 7.83 -21.06 -4.44
N MET C 236 7.38 -20.80 -5.66
CA MET C 236 8.12 -21.13 -6.88
C MET C 236 8.16 -19.87 -7.74
N CYS C 237 9.13 -19.01 -7.50
CA CYS C 237 9.23 -17.75 -8.22
C CYS C 237 9.59 -18.00 -9.67
N GLU C 238 9.00 -17.19 -10.57
CA GLU C 238 9.27 -17.29 -12.00
C GLU C 238 9.37 -15.90 -12.62
N PRO C 239 10.57 -15.44 -12.97
CA PRO C 239 10.68 -14.15 -13.66
C PRO C 239 9.95 -14.18 -15.00
N ILE C 240 9.42 -13.02 -15.38
CA ILE C 240 8.71 -12.85 -16.65
C ILE C 240 9.68 -12.24 -17.65
N GLN C 241 9.92 -12.95 -18.75
CA GLN C 241 10.89 -12.47 -19.73
C GLN C 241 10.40 -11.20 -20.40
N HIS C 242 11.32 -10.28 -20.62
CA HIS C 242 10.99 -9.03 -21.29
C HIS C 242 10.73 -9.28 -22.77
N PRO C 243 9.62 -8.77 -23.33
CA PRO C 243 9.37 -9.00 -24.75
C PRO C 243 10.48 -8.47 -25.65
N SER C 244 11.15 -7.38 -25.24
CA SER C 244 12.20 -6.81 -26.07
C SER C 244 13.41 -7.72 -26.22
N HIS C 245 13.56 -8.71 -25.34
CA HIS C 245 14.70 -9.63 -25.34
C HIS C 245 14.22 -11.06 -25.21
N MET C 246 13.23 -11.42 -26.01
CA MET C 246 12.69 -12.77 -25.92
C MET C 246 13.73 -13.81 -26.29
N ASP C 247 13.82 -14.87 -25.48
CA ASP C 247 14.80 -15.93 -25.68
C ASP C 247 14.19 -17.24 -26.09
N ILE C 248 12.99 -17.58 -25.62
CA ILE C 248 12.31 -18.80 -26.01
C ILE C 248 11.65 -18.58 -27.36
N PRO C 249 11.50 -19.62 -28.18
CA PRO C 249 10.82 -19.43 -29.47
C PRO C 249 9.34 -19.11 -29.29
N LEU C 250 8.80 -18.33 -30.23
CA LEU C 250 7.37 -18.03 -30.19
C LEU C 250 6.71 -18.85 -31.28
N ASP C 251 5.92 -19.83 -30.88
CA ASP C 251 5.26 -20.74 -31.80
C ASP C 251 4.22 -19.99 -32.65
N SER C 252 3.66 -20.69 -33.62
CA SER C 252 2.75 -20.06 -34.58
C SER C 252 1.51 -19.53 -33.88
N LYS C 253 0.93 -20.29 -32.95
CA LYS C 253 -0.31 -19.90 -32.29
C LYS C 253 0.01 -18.83 -31.25
N THR C 254 0.23 -17.60 -31.74
CA THR C 254 0.52 -16.48 -30.87
C THR C 254 0.57 -15.22 -31.74
N PHE C 255 0.07 -14.10 -31.22
CA PHE C 255 0.07 -12.84 -31.94
C PHE C 255 0.42 -11.72 -30.97
N LEU C 256 1.47 -10.96 -31.29
CA LEU C 256 1.89 -9.86 -30.44
C LEU C 256 0.92 -8.69 -30.57
N SER C 257 1.00 -7.78 -29.61
CA SER C 257 0.14 -6.59 -29.60
C SER C 257 0.88 -5.46 -28.90
N ARG C 258 0.27 -4.29 -28.93
CA ARG C 258 0.84 -3.11 -28.26
C ARG C 258 -0.30 -2.14 -27.98
N HIS C 259 -0.60 -1.94 -26.70
CA HIS C 259 -1.72 -1.13 -26.27
C HIS C 259 -1.24 0.17 -25.63
N SER C 260 -2.13 1.16 -25.62
CA SER C 260 -1.82 2.43 -25.00
C SER C 260 -1.88 2.29 -23.48
N MET C 261 -1.70 3.36 -22.73
CA MET C 261 -1.66 3.15 -21.27
C MET C 261 -3.05 2.84 -20.69
N ASP C 262 -4.11 3.34 -21.31
CA ASP C 262 -5.46 3.04 -20.83
C ASP C 262 -6.05 1.82 -21.50
N MET C 263 -5.20 0.92 -22.00
CA MET C 263 -5.64 -0.32 -22.62
C MET C 263 -6.50 -0.06 -23.87
N LYS C 264 -5.93 0.69 -24.80
CA LYS C 264 -6.51 0.88 -26.13
C LYS C 264 -5.58 0.27 -27.17
N PHE C 265 -6.17 -0.50 -28.10
CA PHE C 265 -5.41 -1.13 -29.16
C PHE C 265 -4.69 -0.10 -30.01
N THR C 266 -3.35 -0.11 -29.97
CA THR C 266 -2.54 0.79 -30.79
C THR C 266 -1.84 0.09 -31.93
N TYR C 267 -1.56 -1.21 -31.81
CA TYR C 267 -0.94 -1.97 -32.87
C TYR C 267 -1.10 -3.46 -32.62
N CYS C 268 -1.55 -4.20 -33.62
CA CYS C 268 -1.82 -5.62 -33.49
C CYS C 268 -1.07 -6.39 -34.57
N ASP C 269 -0.61 -7.58 -34.21
CA ASP C 269 0.12 -8.42 -35.15
C ASP C 269 -0.80 -8.93 -36.24
N ASP C 270 -0.25 -9.19 -37.42
CA ASP C 270 -1.06 -9.61 -38.56
C ASP C 270 -1.69 -10.99 -38.34
N ARG C 271 -1.16 -11.80 -37.44
CA ARG C 271 -1.69 -13.14 -37.21
C ARG C 271 -3.08 -13.13 -36.62
N ILE C 272 -3.55 -11.98 -36.11
CA ILE C 272 -4.87 -11.93 -35.48
C ILE C 272 -5.95 -12.30 -36.49
N THR C 273 -5.79 -11.89 -37.74
CA THR C 273 -6.80 -12.20 -38.75
C THR C 273 -6.95 -13.71 -38.93
N GLU C 274 -5.84 -14.43 -38.97
CA GLU C 274 -5.91 -15.88 -39.10
C GLU C 274 -6.41 -16.53 -37.81
N LEU C 275 -6.05 -15.96 -36.66
CA LEU C 275 -6.42 -16.56 -35.38
C LEU C 275 -7.86 -16.25 -35.03
N ILE C 276 -8.20 -14.96 -34.88
CA ILE C 276 -9.53 -14.55 -34.46
C ILE C 276 -10.37 -14.21 -35.68
N GLY C 277 -9.94 -13.20 -36.44
CA GLY C 277 -10.67 -12.78 -37.61
C GLY C 277 -10.68 -11.27 -37.81
N TYR C 278 -10.37 -10.53 -36.74
CA TYR C 278 -10.32 -9.08 -36.83
C TYR C 278 -9.13 -8.65 -37.69
N HIS C 279 -9.33 -7.59 -38.48
CA HIS C 279 -8.25 -7.08 -39.31
C HIS C 279 -7.25 -6.30 -38.46
N PRO C 280 -5.96 -6.33 -38.81
CA PRO C 280 -4.98 -5.58 -38.00
C PRO C 280 -5.28 -4.09 -37.95
N GLU C 281 -5.78 -3.52 -39.04
CA GLU C 281 -6.06 -2.09 -39.13
C GLU C 281 -7.45 -1.74 -38.61
N GLU C 282 -8.28 -2.74 -38.36
CA GLU C 282 -9.65 -2.52 -37.89
C GLU C 282 -9.74 -2.19 -36.40
N LEU C 283 -8.72 -2.56 -35.60
CA LEU C 283 -8.71 -2.30 -34.16
C LEU C 283 -7.58 -1.33 -33.86
N LEU C 284 -7.86 -0.03 -34.00
CA LEU C 284 -6.93 1.02 -33.63
C LEU C 284 -7.70 2.10 -32.86
N GLY C 285 -7.32 2.31 -31.60
CA GLY C 285 -7.95 3.28 -30.74
C GLY C 285 -9.13 2.75 -29.96
N ARG C 286 -9.67 1.59 -30.35
CA ARG C 286 -10.78 1.01 -29.64
C ARG C 286 -10.33 0.44 -28.30
N SER C 287 -11.12 0.70 -27.26
CA SER C 287 -10.80 0.19 -25.94
C SER C 287 -10.90 -1.33 -25.91
N ALA C 288 -9.95 -1.98 -25.24
CA ALA C 288 -9.95 -3.44 -25.19
C ALA C 288 -11.09 -3.96 -24.33
N TYR C 289 -11.57 -3.16 -23.37
CA TYR C 289 -12.62 -3.61 -22.47
C TYR C 289 -13.94 -3.86 -23.18
N GLU C 290 -14.09 -3.41 -24.43
CA GLU C 290 -15.31 -3.65 -25.19
C GLU C 290 -15.33 -5.03 -25.83
N PHE C 291 -14.26 -5.81 -25.70
CA PHE C 291 -14.15 -7.13 -26.32
C PHE C 291 -14.20 -8.27 -25.33
N TYR C 292 -13.61 -8.10 -24.15
CA TYR C 292 -13.60 -9.17 -23.16
C TYR C 292 -15.01 -9.56 -22.76
N HIS C 293 -15.21 -10.84 -22.52
CA HIS C 293 -16.50 -11.32 -22.04
C HIS C 293 -16.82 -10.68 -20.69
N ALA C 294 -18.11 -10.37 -20.48
CA ALA C 294 -18.51 -9.65 -19.27
C ALA C 294 -18.16 -10.41 -18.00
N LEU C 295 -18.01 -11.73 -18.07
CA LEU C 295 -17.71 -12.52 -16.88
C LEU C 295 -16.26 -12.35 -16.43
N ASP C 296 -15.34 -12.09 -17.36
CA ASP C 296 -13.92 -11.96 -17.04
C ASP C 296 -13.49 -10.52 -16.85
N SER C 297 -14.45 -9.58 -16.81
CA SER C 297 -14.09 -8.18 -16.65
C SER C 297 -13.38 -7.93 -15.32
N GLU C 298 -13.84 -8.57 -14.25
CA GLU C 298 -13.19 -8.38 -12.95
C GLU C 298 -11.75 -8.84 -12.98
N ASN C 299 -11.49 -10.02 -13.53
CA ASN C 299 -10.13 -10.52 -13.61
C ASN C 299 -9.27 -9.62 -14.49
N MET C 300 -9.82 -9.16 -15.61
CA MET C 300 -9.05 -8.33 -16.52
C MET C 300 -8.71 -6.99 -15.88
N THR C 301 -9.65 -6.37 -15.16
CA THR C 301 -9.36 -5.09 -14.51
C THR C 301 -8.37 -5.28 -13.37
N LYS C 302 -8.46 -6.39 -12.63
CA LYS C 302 -7.45 -6.66 -11.62
C LYS C 302 -6.07 -6.80 -12.24
N SER C 303 -5.98 -7.52 -13.36
CA SER C 303 -4.70 -7.68 -14.04
C SER C 303 -4.17 -6.34 -14.53
N HIS C 304 -5.05 -5.49 -15.07
CA HIS C 304 -4.61 -4.17 -15.54
C HIS C 304 -4.11 -3.31 -14.38
N GLN C 305 -4.81 -3.36 -13.24
CA GLN C 305 -4.35 -2.61 -12.08
C GLN C 305 -2.98 -3.10 -11.62
N ASN C 306 -2.79 -4.42 -11.58
CA ASN C 306 -1.50 -4.97 -11.19
C ASN C 306 -0.41 -4.54 -12.18
N LEU C 307 -0.74 -4.54 -13.48
CA LEU C 307 0.22 -4.09 -14.48
C LEU C 307 0.60 -2.63 -14.25
N CYS C 308 -0.39 -1.78 -13.96
CA CYS C 308 -0.11 -0.37 -13.75
C CYS C 308 0.76 -0.16 -12.52
N THR C 309 0.48 -0.88 -11.44
CA THR C 309 1.17 -0.67 -10.17
C THR C 309 2.39 -1.51 -9.92
N LYS C 310 2.73 -2.41 -10.84
CA LYS C 310 3.82 -3.34 -10.60
C LYS C 310 4.70 -3.61 -11.81
N GLY C 311 4.46 -2.96 -12.94
CA GLY C 311 5.34 -3.13 -14.09
C GLY C 311 4.91 -4.23 -15.06
N GLN C 312 4.83 -5.47 -14.59
CA GLN C 312 4.49 -6.60 -15.44
C GLN C 312 3.49 -7.49 -14.71
N VAL C 313 2.69 -8.22 -15.49
CA VAL C 313 1.71 -9.16 -14.99
C VAL C 313 1.54 -10.29 -15.99
N VAL C 314 0.92 -11.38 -15.55
CA VAL C 314 0.55 -12.50 -16.41
C VAL C 314 -0.93 -12.77 -16.14
N SER C 315 -1.79 -12.15 -16.94
CA SER C 315 -3.22 -12.27 -16.67
C SER C 315 -3.70 -13.69 -16.88
N GLY C 316 -4.66 -14.11 -16.08
CA GLY C 316 -5.21 -15.44 -16.16
C GLY C 316 -6.06 -15.64 -17.40
N GLN C 317 -6.43 -16.89 -17.64
CA GLN C 317 -7.22 -17.23 -18.81
C GLN C 317 -8.53 -16.47 -18.80
N TYR C 318 -8.88 -15.87 -19.95
CA TYR C 318 -10.13 -15.16 -20.12
C TYR C 318 -10.69 -15.49 -21.50
N ARG C 319 -11.76 -14.82 -21.88
CA ARG C 319 -12.42 -15.04 -23.15
C ARG C 319 -12.51 -13.72 -23.92
N MET C 320 -12.09 -13.74 -25.17
CA MET C 320 -12.12 -12.56 -26.03
C MET C 320 -13.09 -12.79 -27.18
N LEU C 321 -14.01 -11.85 -27.37
CA LEU C 321 -14.95 -11.92 -28.48
C LEU C 321 -14.21 -11.84 -29.81
N ALA C 322 -14.65 -12.68 -30.74
CA ALA C 322 -14.07 -12.72 -32.07
C ALA C 322 -15.09 -12.18 -33.06
N LYS C 323 -14.94 -12.48 -34.35
CA LYS C 323 -15.82 -11.93 -35.38
C LYS C 323 -16.80 -13.01 -35.82
N HIS C 324 -18.00 -12.58 -36.18
CA HIS C 324 -19.06 -13.49 -36.62
C HIS C 324 -19.42 -14.49 -35.53
N GLY C 325 -19.31 -14.06 -34.27
CA GLY C 325 -19.69 -14.88 -33.15
C GLY C 325 -18.54 -15.72 -32.59
N GLY C 326 -18.79 -16.28 -31.42
CA GLY C 326 -17.83 -17.15 -30.77
C GLY C 326 -16.73 -16.38 -30.05
N TYR C 327 -15.87 -17.14 -29.37
CA TYR C 327 -14.74 -16.56 -28.66
C TYR C 327 -13.62 -17.58 -28.60
N VAL C 328 -12.41 -17.07 -28.34
CA VAL C 328 -11.23 -17.91 -28.21
C VAL C 328 -10.52 -17.54 -26.92
N TRP C 329 -10.15 -18.54 -26.13
CA TRP C 329 -9.47 -18.30 -24.86
C TRP C 329 -8.09 -17.72 -25.11
N LEU C 330 -7.67 -16.82 -24.21
CA LEU C 330 -6.41 -16.12 -24.36
C LEU C 330 -5.69 -16.03 -23.02
N GLU C 331 -4.36 -15.98 -23.08
CA GLU C 331 -3.52 -15.70 -21.92
C GLU C 331 -2.53 -14.62 -22.33
N THR C 332 -2.45 -13.57 -21.50
CA THR C 332 -1.67 -12.38 -21.83
C THR C 332 -0.56 -12.17 -20.81
N GLN C 333 0.62 -11.79 -21.29
CA GLN C 333 1.77 -11.46 -20.45
C GLN C 333 2.10 -9.99 -20.67
N GLY C 334 1.45 -9.12 -19.91
CA GLY C 334 1.67 -7.70 -20.06
C GLY C 334 3.05 -7.27 -19.62
N THR C 335 3.48 -6.11 -20.13
CA THR C 335 4.79 -5.56 -19.80
C THR C 335 4.78 -4.08 -20.09
N VAL C 336 4.96 -3.26 -19.05
CA VAL C 336 4.97 -1.81 -19.20
C VAL C 336 6.32 -1.37 -19.76
N ILE C 337 6.40 -0.14 -20.23
CA ILE C 337 7.62 0.44 -20.78
C ILE C 337 7.90 1.73 -20.04
N TYR C 338 9.15 1.91 -19.61
CA TYR C 338 9.58 3.10 -18.88
C TYR C 338 10.54 3.89 -19.75
N ASN C 339 10.26 5.18 -19.93
CA ASN C 339 11.11 6.04 -20.72
C ASN C 339 12.34 6.44 -19.91
N PRO C 340 13.56 6.20 -20.41
CA PRO C 340 14.74 6.60 -19.64
C PRO C 340 14.79 8.09 -19.35
N GLN C 344 9.00 8.16 -17.14
CA GLN C 344 7.55 8.05 -17.17
C GLN C 344 7.13 6.95 -18.12
N PRO C 345 5.97 6.33 -17.88
CA PRO C 345 5.50 5.27 -18.78
C PRO C 345 5.16 5.82 -20.16
N GLN C 346 5.38 4.99 -21.17
CA GLN C 346 5.12 5.35 -22.55
C GLN C 346 4.00 4.51 -23.17
N CYS C 347 4.13 3.18 -23.13
CA CYS C 347 3.13 2.31 -23.74
C CYS C 347 3.25 0.93 -23.10
N ILE C 348 2.30 0.06 -23.45
CA ILE C 348 2.23 -1.29 -22.90
C ILE C 348 2.20 -2.27 -24.07
N MET C 349 3.05 -3.29 -24.01
CA MET C 349 3.01 -4.39 -24.97
C MET C 349 2.36 -5.60 -24.32
N CYS C 350 2.08 -6.60 -25.16
CA CYS C 350 1.48 -7.84 -24.70
C CYS C 350 1.90 -8.97 -25.62
N VAL C 351 2.03 -10.16 -25.06
CA VAL C 351 2.37 -11.37 -25.80
C VAL C 351 1.23 -12.35 -25.54
N ASN C 352 0.22 -12.33 -26.39
CA ASN C 352 -0.98 -13.12 -26.18
C ASN C 352 -0.74 -14.57 -26.61
N TYR C 353 -1.66 -15.44 -26.17
CA TYR C 353 -1.66 -16.85 -26.54
C TYR C 353 -3.07 -17.25 -26.93
N VAL C 354 -3.16 -18.26 -27.80
CA VAL C 354 -4.43 -18.81 -28.23
C VAL C 354 -4.44 -20.29 -27.87
N LEU C 355 -5.50 -20.73 -27.19
CA LEU C 355 -5.57 -22.09 -26.66
C LEU C 355 -6.50 -23.01 -27.45
N SER C 356 -7.47 -22.46 -28.17
CA SER C 356 -8.42 -23.30 -28.89
C SER C 356 -9.01 -22.50 -30.04
N GLU C 357 -9.62 -23.21 -30.99
CA GLU C 357 -10.26 -22.55 -32.10
C GLU C 357 -11.51 -21.81 -31.65
N ILE C 358 -12.23 -21.25 -32.59
CA ILE C 358 -13.44 -20.50 -32.26
C ILE C 358 -14.52 -21.46 -31.77
N GLU C 359 -15.12 -21.11 -30.63
CA GLU C 359 -16.18 -21.91 -30.03
C GLU C 359 -17.51 -21.19 -30.16
N LYS C 360 -18.54 -21.92 -30.55
CA LYS C 360 -19.89 -21.37 -30.70
C LYS C 360 -19.88 -20.20 -31.68
N ASN C 361 -19.52 -20.52 -32.93
CA ASN C 361 -19.42 -19.48 -33.96
C ASN C 361 -20.78 -18.88 -34.28
N ASP C 362 -21.83 -19.72 -34.32
CA ASP C 362 -23.14 -19.23 -34.75
C ASP C 362 -23.69 -18.18 -33.80
N VAL C 363 -23.53 -18.39 -32.49
CA VAL C 363 -24.08 -17.45 -31.52
C VAL C 363 -23.44 -16.08 -31.70
N VAL C 364 -24.23 -15.04 -31.46
CA VAL C 364 -23.79 -13.65 -31.57
C VAL C 364 -24.00 -12.97 -30.22
N PHE C 365 -22.98 -12.25 -29.75
CA PHE C 365 -23.00 -11.64 -28.42
C PHE C 365 -23.08 -10.12 -28.49
N SER C 366 -22.14 -9.47 -29.18
CA SER C 366 -22.04 -8.01 -29.17
C SER C 366 -22.57 -7.42 -30.46
N MET C 367 -22.82 -6.10 -30.42
CA MET C 367 -23.32 -5.40 -31.60
C MET C 367 -22.26 -5.32 -32.70
N ASP C 368 -20.98 -5.22 -32.31
CA ASP C 368 -19.93 -5.09 -33.31
C ASP C 368 -19.85 -6.30 -34.23
N GLN C 369 -20.36 -7.46 -33.79
CA GLN C 369 -20.34 -8.67 -34.60
C GLN C 369 -21.56 -8.80 -35.51
N THR C 370 -22.55 -7.93 -35.32
CA THR C 370 -23.80 -8.04 -36.08
C THR C 370 -24.16 -6.73 -36.76
N ASN D 4 28.33 6.57 13.43
CA ASN D 4 28.91 6.43 14.76
C ASN D 4 29.35 4.99 14.99
N HIS D 5 30.60 4.82 15.45
CA HIS D 5 31.14 3.49 15.68
C HIS D 5 30.36 2.76 16.78
N SER D 6 30.01 3.48 17.85
CA SER D 6 29.35 2.85 18.98
C SER D 6 28.01 2.25 18.57
N GLU D 7 27.23 2.96 17.76
CA GLU D 7 25.92 2.45 17.35
C GLU D 7 26.07 1.19 16.52
N ILE D 8 27.02 1.17 15.59
CA ILE D 8 27.23 0.00 14.75
C ILE D 8 27.68 -1.18 15.61
N GLU D 9 28.58 -0.95 16.56
CA GLU D 9 29.03 -2.02 17.44
C GLU D 9 27.87 -2.57 18.26
N ARG D 10 27.03 -1.68 18.80
CA ARG D 10 25.88 -2.13 19.58
C ARG D 10 24.92 -2.95 18.73
N ARG D 11 24.66 -2.51 17.49
CA ARG D 11 23.78 -3.26 16.62
C ARG D 11 24.34 -4.64 16.31
N ARG D 12 25.65 -4.71 16.04
CA ARG D 12 26.27 -6.01 15.76
C ARG D 12 26.18 -6.93 16.98
N ARG D 13 26.43 -6.38 18.17
CA ARG D 13 26.36 -7.19 19.38
C ARG D 13 24.94 -7.71 19.60
N ASN D 14 23.94 -6.84 19.41
CA ASN D 14 22.56 -7.28 19.58
C ASN D 14 22.18 -8.35 18.58
N LYS D 15 22.62 -8.20 17.32
CA LYS D 15 22.33 -9.21 16.31
C LYS D 15 22.96 -10.55 16.67
N MET D 16 24.21 -10.51 17.14
CA MET D 16 24.87 -11.75 17.54
C MET D 16 24.15 -12.40 18.71
N THR D 17 23.73 -11.60 19.69
CA THR D 17 23.00 -12.14 20.83
C THR D 17 21.68 -12.77 20.39
N ALA D 18 20.96 -12.12 19.48
CA ALA D 18 19.70 -12.68 19.00
C ALA D 18 19.93 -13.99 18.26
N TYR D 19 20.97 -14.05 17.43
CA TYR D 19 21.26 -15.29 16.72
C TYR D 19 21.63 -16.41 17.69
N ILE D 20 22.40 -16.08 18.73
CA ILE D 20 22.76 -17.07 19.74
C ILE D 20 21.50 -17.58 20.45
N THR D 21 20.60 -16.66 20.79
CA THR D 21 19.37 -17.08 21.46
C THR D 21 18.54 -17.99 20.56
N GLU D 22 18.50 -17.67 19.26
CA GLU D 22 17.77 -18.50 18.31
C GLU D 22 18.35 -19.88 18.28
N LEU D 23 19.66 -19.97 18.11
CA LEU D 23 20.33 -21.27 18.05
C LEU D 23 20.18 -22.05 19.34
N SER D 24 20.04 -21.34 20.46
CA SER D 24 19.83 -22.03 21.74
C SER D 24 18.54 -22.84 21.71
N ASP D 25 17.46 -22.26 21.17
CA ASP D 25 16.19 -22.98 21.09
C ASP D 25 16.19 -23.99 19.97
N MET D 26 16.89 -23.71 18.87
CA MET D 26 16.87 -24.62 17.72
C MET D 26 17.44 -25.99 18.09
N VAL D 27 18.53 -26.03 18.84
CA VAL D 27 19.18 -27.29 19.17
C VAL D 27 18.25 -28.11 20.07
N PRO D 28 17.88 -29.33 19.68
CA PRO D 28 16.97 -30.12 20.54
C PRO D 28 17.57 -30.46 21.89
N THR D 29 18.88 -30.72 21.96
CA THR D 29 19.47 -31.15 23.22
C THR D 29 19.35 -30.08 24.29
N CYS D 30 19.59 -28.82 23.93
CA CYS D 30 19.51 -27.70 24.86
C CYS D 30 18.11 -27.08 24.91
N LYS D 36 20.26 -23.03 30.24
CA LYS D 36 21.64 -23.22 29.82
C LYS D 36 22.33 -21.90 29.53
N PRO D 37 22.52 -21.03 30.52
CA PRO D 37 23.10 -19.71 30.24
C PRO D 37 24.60 -19.79 29.99
N ASP D 38 24.95 -19.70 28.69
CA ASP D 38 26.32 -19.67 28.28
C ASP D 38 26.33 -19.39 26.77
N LYS D 39 27.51 -19.20 26.18
CA LYS D 39 27.67 -19.05 24.74
C LYS D 39 28.58 -20.12 24.16
N LEU D 40 29.75 -20.33 24.78
CA LEU D 40 30.64 -21.39 24.33
C LEU D 40 29.99 -22.76 24.48
N THR D 41 29.32 -22.99 25.62
CA THR D 41 28.66 -24.27 25.83
C THR D 41 27.56 -24.49 24.81
N ILE D 42 26.78 -23.45 24.51
CA ILE D 42 25.70 -23.59 23.55
C ILE D 42 26.25 -23.87 22.16
N LEU D 43 27.33 -23.18 21.78
CA LEU D 43 27.96 -23.46 20.49
C LEU D 43 28.47 -24.89 20.42
N ARG D 44 29.12 -25.36 21.49
CA ARG D 44 29.63 -26.72 21.50
C ARG D 44 28.49 -27.74 21.39
N MET D 45 27.38 -27.49 22.10
CA MET D 45 26.25 -28.40 22.02
C MET D 45 25.64 -28.40 20.62
N ALA D 46 25.56 -27.23 19.99
CA ALA D 46 25.06 -27.16 18.62
C ALA D 46 25.96 -27.95 17.68
N VAL D 47 27.28 -27.81 17.84
CA VAL D 47 28.21 -28.58 17.01
C VAL D 47 28.01 -30.07 17.24
N SER D 48 27.88 -30.49 18.49
CA SER D 48 27.68 -31.90 18.80
C SER D 48 26.40 -32.43 18.16
N HIS D 49 25.32 -31.66 18.24
CA HIS D 49 24.08 -32.07 17.60
C HIS D 49 24.25 -32.18 16.09
N MET D 50 24.93 -31.21 15.47
CA MET D 50 25.15 -31.24 14.04
C MET D 50 26.08 -32.39 13.63
N LYS D 51 26.85 -32.94 14.56
CA LYS D 51 27.69 -34.09 14.22
C LYS D 51 26.84 -35.26 13.75
N SER D 52 25.73 -35.54 14.44
CA SER D 52 24.90 -36.69 14.09
C SER D 52 24.31 -36.53 12.69
N LEU D 53 23.80 -35.36 12.36
CA LEU D 53 23.20 -35.13 11.05
C LEU D 53 24.27 -35.11 9.96
N PRO D 67 28.12 -31.32 -2.99
CA PRO D 67 27.73 -30.78 -1.68
C PRO D 67 26.68 -29.68 -1.79
N SER D 68 25.55 -29.85 -1.09
CA SER D 68 24.48 -28.87 -1.13
C SER D 68 23.68 -28.97 0.16
N PHE D 69 22.87 -27.95 0.42
CA PHE D 69 22.08 -27.92 1.65
C PHE D 69 21.11 -29.09 1.70
N LEU D 70 20.45 -29.40 0.58
CA LEU D 70 19.53 -30.52 0.48
C LEU D 70 20.04 -31.53 -0.53
N THR D 71 19.86 -32.81 -0.20
CA THR D 71 20.18 -33.87 -1.12
C THR D 71 19.23 -33.83 -2.32
N ASP D 72 19.67 -34.42 -3.43
CA ASP D 72 18.85 -34.41 -4.64
C ASP D 72 17.53 -35.12 -4.45
N GLN D 73 17.41 -35.97 -3.42
CA GLN D 73 16.16 -36.67 -3.15
C GLN D 73 15.14 -35.81 -2.41
N GLU D 74 15.57 -34.69 -1.82
CA GLU D 74 14.67 -33.81 -1.10
C GLU D 74 14.17 -32.65 -1.95
N LEU D 75 14.97 -32.18 -2.89
CA LEU D 75 14.54 -31.09 -3.77
C LEU D 75 13.35 -31.54 -4.62
N LYS D 76 13.34 -32.80 -5.03
CA LYS D 76 12.21 -33.31 -5.80
C LYS D 76 10.92 -33.21 -5.00
N HIS D 77 10.94 -33.65 -3.75
CA HIS D 77 9.75 -33.57 -2.91
C HIS D 77 9.35 -32.12 -2.66
N LEU D 78 10.33 -31.25 -2.42
CA LEU D 78 10.01 -29.84 -2.18
C LEU D 78 9.37 -29.21 -3.40
N ILE D 79 9.87 -29.52 -4.60
CA ILE D 79 9.31 -28.96 -5.82
C ILE D 79 7.92 -29.53 -6.07
N LEU D 80 7.73 -30.83 -5.84
CA LEU D 80 6.42 -31.44 -6.05
C LEU D 80 5.37 -30.89 -5.10
N GLU D 81 5.73 -30.61 -3.85
CA GLU D 81 4.76 -30.07 -2.90
C GLU D 81 4.29 -28.68 -3.32
N ALA D 82 5.22 -27.86 -3.82
CA ALA D 82 4.87 -26.48 -4.15
C ALA D 82 4.22 -26.38 -5.54
N ALA D 83 4.96 -26.76 -6.57
CA ALA D 83 4.45 -26.63 -7.93
C ALA D 83 3.29 -27.59 -8.20
N ASP D 84 3.31 -28.77 -7.58
CA ASP D 84 2.31 -29.80 -7.80
C ASP D 84 2.29 -30.18 -9.29
N GLY D 85 3.40 -30.78 -9.70
CA GLY D 85 3.56 -31.19 -11.09
C GLY D 85 4.15 -32.59 -11.23
N PHE D 86 4.62 -32.91 -12.42
CA PHE D 86 5.21 -34.22 -12.69
C PHE D 86 6.18 -34.09 -13.86
N LEU D 87 7.20 -34.94 -13.87
CA LEU D 87 8.22 -34.91 -14.91
C LEU D 87 7.89 -35.95 -15.98
N PHE D 88 7.96 -35.53 -17.23
CA PHE D 88 7.73 -36.42 -18.37
C PHE D 88 8.81 -36.18 -19.40
N ILE D 89 9.12 -37.21 -20.19
CA ILE D 89 10.14 -37.17 -21.21
C ILE D 89 9.55 -37.70 -22.51
N VAL D 90 9.86 -37.01 -23.62
CA VAL D 90 9.36 -37.38 -24.93
C VAL D 90 10.51 -37.33 -25.93
N SER D 91 10.35 -38.07 -27.02
CA SER D 91 11.35 -38.13 -28.09
C SER D 91 10.87 -37.28 -29.26
N CYS D 92 11.73 -36.37 -29.70
CA CYS D 92 11.35 -35.46 -30.79
C CYS D 92 11.09 -36.23 -32.08
N GLU D 93 11.92 -37.22 -32.39
CA GLU D 93 11.81 -37.91 -33.67
C GLU D 93 10.47 -38.61 -33.83
N THR D 94 9.99 -39.28 -32.77
CA THR D 94 8.77 -40.07 -32.84
C THR D 94 7.68 -39.60 -31.89
N GLY D 95 8.02 -38.90 -30.81
CA GLY D 95 7.04 -38.47 -29.84
C GLY D 95 6.68 -39.49 -28.79
N ARG D 96 7.37 -40.62 -28.76
CA ARG D 96 7.03 -41.62 -27.79
C ARG D 96 7.48 -41.18 -26.41
N VAL D 97 6.71 -41.54 -25.39
CA VAL D 97 7.01 -41.14 -24.02
C VAL D 97 8.10 -42.05 -23.48
N VAL D 98 9.32 -41.51 -23.35
CA VAL D 98 10.43 -42.31 -22.85
C VAL D 98 10.22 -42.66 -21.38
N TYR D 99 9.81 -41.67 -20.58
CA TYR D 99 9.62 -41.89 -19.15
C TYR D 99 8.61 -40.88 -18.63
N VAL D 100 7.82 -41.32 -17.65
CA VAL D 100 6.84 -40.47 -16.97
C VAL D 100 7.02 -40.67 -15.47
N SER D 101 7.05 -39.56 -14.73
CA SER D 101 7.19 -39.64 -13.29
C SER D 101 5.96 -40.30 -12.67
N ASP D 102 6.17 -40.93 -11.51
CA ASP D 102 5.09 -41.63 -10.84
C ASP D 102 3.97 -40.69 -10.41
N SER D 103 4.26 -39.40 -10.30
CA SER D 103 3.25 -38.44 -9.86
C SER D 103 2.17 -38.16 -10.90
N VAL D 104 2.23 -38.80 -12.07
CA VAL D 104 1.22 -38.58 -13.09
C VAL D 104 -0.15 -39.09 -12.60
N THR D 105 -0.16 -40.17 -11.83
CA THR D 105 -1.43 -40.73 -11.38
C THR D 105 -2.20 -39.77 -10.50
N PRO D 106 -1.64 -39.20 -9.42
CA PRO D 106 -2.43 -38.28 -8.59
C PRO D 106 -2.87 -37.02 -9.32
N VAL D 107 -2.22 -36.65 -10.42
CA VAL D 107 -2.54 -35.41 -11.12
C VAL D 107 -3.62 -35.68 -12.18
N LEU D 108 -3.30 -36.53 -13.15
CA LEU D 108 -4.21 -36.82 -14.25
C LEU D 108 -5.06 -38.05 -14.03
N ASN D 109 -4.94 -38.70 -12.87
CA ASN D 109 -5.73 -39.90 -12.56
C ASN D 109 -5.55 -40.97 -13.64
N GLN D 110 -4.30 -41.18 -14.05
CA GLN D 110 -3.97 -42.16 -15.06
C GLN D 110 -2.84 -43.06 -14.57
N PRO D 111 -2.91 -44.36 -14.79
CA PRO D 111 -1.80 -45.23 -14.41
C PRO D 111 -0.56 -44.96 -15.25
N GLN D 112 0.60 -45.24 -14.66
CA GLN D 112 1.86 -45.04 -15.38
C GLN D 112 1.91 -45.87 -16.65
N SER D 113 1.24 -47.03 -16.66
CA SER D 113 1.27 -47.88 -17.85
C SER D 113 0.66 -47.19 -19.05
N GLU D 114 -0.46 -46.48 -18.85
CA GLU D 114 -1.14 -45.83 -19.97
C GLU D 114 -0.23 -44.79 -20.63
N TRP D 115 0.34 -43.89 -19.82
CA TRP D 115 1.23 -42.87 -20.38
C TRP D 115 2.48 -43.51 -20.99
N PHE D 116 3.06 -44.49 -20.30
CA PHE D 116 4.26 -45.14 -20.78
C PHE D 116 3.97 -45.93 -22.05
N GLY D 117 4.88 -45.82 -23.03
CA GLY D 117 4.73 -46.53 -24.28
C GLY D 117 3.80 -45.90 -25.28
N SER D 118 3.19 -44.77 -24.95
CA SER D 118 2.26 -44.09 -25.84
C SER D 118 2.95 -42.88 -26.48
N THR D 119 2.18 -42.09 -27.21
CA THR D 119 2.67 -40.88 -27.86
C THR D 119 2.05 -39.66 -27.22
N LEU D 120 2.86 -38.62 -26.98
CA LEU D 120 2.36 -37.42 -26.34
C LEU D 120 1.21 -36.80 -27.15
N TYR D 121 1.25 -36.94 -28.48
CA TYR D 121 0.16 -36.40 -29.29
C TYR D 121 -1.16 -37.07 -28.99
N ASP D 122 -1.13 -38.33 -28.54
CA ASP D 122 -2.35 -39.04 -28.21
C ASP D 122 -2.95 -38.57 -26.89
N GLN D 123 -2.13 -38.06 -25.98
CA GLN D 123 -2.58 -37.63 -24.66
C GLN D 123 -3.02 -36.18 -24.63
N VAL D 124 -3.35 -35.60 -25.79
CA VAL D 124 -3.87 -34.24 -25.86
C VAL D 124 -5.12 -34.25 -26.72
N HIS D 125 -6.00 -33.30 -26.47
CA HIS D 125 -7.23 -33.21 -27.25
C HIS D 125 -6.90 -32.83 -28.69
N PRO D 126 -7.64 -33.37 -29.69
CA PRO D 126 -7.17 -33.39 -31.08
C PRO D 126 -7.34 -32.07 -31.84
N ASP D 127 -7.00 -30.96 -31.18
CA ASP D 127 -6.94 -29.66 -31.86
C ASP D 127 -5.70 -28.86 -31.50
N ASP D 128 -4.94 -29.25 -30.47
CA ASP D 128 -3.73 -28.56 -30.07
C ASP D 128 -2.47 -29.25 -30.57
N VAL D 129 -2.60 -30.20 -31.50
CA VAL D 129 -1.44 -30.92 -32.00
C VAL D 129 -0.51 -29.97 -32.76
N ASP D 130 -1.08 -28.99 -33.46
CA ASP D 130 -0.26 -28.06 -34.22
C ASP D 130 0.71 -27.27 -33.34
N LYS D 131 0.44 -27.19 -32.03
CA LYS D 131 1.35 -26.50 -31.12
C LYS D 131 2.52 -27.41 -30.72
N LEU D 132 2.21 -28.61 -30.23
CA LEU D 132 3.27 -29.51 -29.78
C LEU D 132 4.16 -29.95 -30.94
N ARG D 133 3.57 -30.16 -32.12
CA ARG D 133 4.37 -30.59 -33.27
C ARG D 133 5.46 -29.57 -33.59
N GLU D 134 5.12 -28.28 -33.55
CA GLU D 134 6.11 -27.25 -33.81
C GLU D 134 7.06 -27.08 -32.62
N GLN D 135 6.53 -27.23 -31.40
CA GLN D 135 7.36 -27.01 -30.21
C GLN D 135 8.46 -28.06 -30.10
N LEU D 136 8.10 -29.34 -30.20
CA LEU D 136 9.10 -30.39 -30.06
C LEU D 136 10.13 -30.34 -31.18
N SER D 137 9.68 -30.13 -32.42
CA SER D 137 10.59 -30.09 -33.56
C SER D 137 11.26 -28.72 -33.65
N SER D 170 18.60 -23.16 -25.62
CA SER D 170 17.58 -24.12 -26.00
C SER D 170 16.59 -24.34 -24.86
N ARG D 171 15.45 -23.66 -24.93
CA ARG D 171 14.41 -23.77 -23.92
C ARG D 171 13.07 -23.96 -24.61
N ARG D 172 12.13 -24.58 -23.92
CA ARG D 172 10.82 -24.72 -24.47
C ARG D 172 9.83 -24.39 -23.42
N SER D 173 8.67 -23.96 -23.82
CA SER D 173 7.59 -23.56 -22.93
C SER D 173 6.32 -23.37 -23.75
N PHE D 174 5.24 -24.04 -23.36
CA PHE D 174 3.99 -23.97 -24.10
C PHE D 174 2.84 -24.30 -23.14
N ILE D 175 1.64 -23.93 -23.57
CA ILE D 175 0.42 -24.19 -22.81
C ILE D 175 -0.44 -25.12 -23.66
N CYS D 176 -0.78 -26.28 -23.11
CA CYS D 176 -1.58 -27.27 -23.81
C CYS D 176 -2.55 -27.91 -22.83
N ARG D 177 -3.35 -28.86 -23.32
CA ARG D 177 -4.34 -29.56 -22.51
C ARG D 177 -4.21 -31.05 -22.77
N MET D 178 -4.30 -31.85 -21.70
CA MET D 178 -4.19 -33.29 -21.79
C MET D 178 -5.37 -33.96 -21.07
N ARG D 179 -5.69 -35.17 -21.51
CA ARG D 179 -6.87 -35.87 -21.04
C ARG D 179 -6.74 -36.24 -19.56
N CYS D 180 -7.84 -36.09 -18.83
CA CYS D 180 -7.91 -36.45 -17.41
C CYS D 180 -8.73 -37.71 -17.29
N GLY D 181 -8.08 -38.83 -17.03
CA GLY D 181 -8.75 -40.11 -16.89
C GLY D 181 -9.73 -40.14 -15.75
N PRO D 212 -15.10 -36.50 -21.40
CA PRO D 212 -13.81 -36.52 -20.70
C PRO D 212 -13.31 -35.14 -20.32
N HIS D 213 -13.20 -34.88 -19.02
CA HIS D 213 -12.73 -33.58 -18.55
C HIS D 213 -11.33 -33.31 -19.08
N PHE D 214 -11.10 -32.08 -19.53
CA PHE D 214 -9.81 -31.62 -20.01
C PHE D 214 -9.30 -30.50 -19.13
N VAL D 215 -8.00 -30.52 -18.84
CA VAL D 215 -7.36 -29.53 -18.00
C VAL D 215 -6.15 -28.97 -18.72
N VAL D 216 -5.74 -27.77 -18.32
CA VAL D 216 -4.63 -27.05 -18.94
C VAL D 216 -3.45 -27.03 -17.97
N VAL D 217 -2.28 -27.34 -18.50
CA VAL D 217 -1.08 -27.35 -17.68
C VAL D 217 0.01 -26.57 -18.39
N HIS D 218 0.82 -25.87 -17.62
CA HIS D 218 1.88 -25.02 -18.19
C HIS D 218 3.18 -25.82 -18.24
N CYS D 219 3.35 -26.56 -19.34
CA CYS D 219 4.56 -27.34 -19.54
C CYS D 219 5.76 -26.41 -19.73
N THR D 220 6.85 -26.70 -19.02
CA THR D 220 8.08 -25.93 -19.12
C THR D 220 9.26 -26.87 -18.97
N GLY D 221 10.30 -26.63 -19.76
CA GLY D 221 11.49 -27.47 -19.68
C GLY D 221 12.48 -27.12 -20.77
N TYR D 222 13.58 -27.87 -20.76
CA TYR D 222 14.66 -27.71 -21.71
C TYR D 222 14.80 -28.95 -22.57
N ILE D 223 15.67 -28.87 -23.57
CA ILE D 223 15.88 -29.94 -24.54
C ILE D 223 17.35 -30.34 -24.48
N LYS D 224 17.59 -31.65 -24.37
CA LYS D 224 18.94 -32.20 -24.30
C LYS D 224 19.06 -33.38 -25.26
N ALA D 225 20.23 -34.02 -25.25
CA ALA D 225 20.47 -35.16 -26.12
C ALA D 225 19.71 -36.38 -25.64
N PHE D 246 18.14 -36.59 -29.29
CA PHE D 246 17.46 -35.37 -28.86
C PHE D 246 16.12 -35.69 -28.22
N CYS D 247 15.97 -35.35 -26.95
CA CYS D 247 14.76 -35.60 -26.19
C CYS D 247 14.37 -34.36 -25.40
N LEU D 248 13.09 -34.25 -25.11
CA LEU D 248 12.54 -33.11 -24.37
C LEU D 248 12.21 -33.54 -22.94
N VAL D 249 12.74 -32.79 -21.98
CA VAL D 249 12.45 -32.99 -20.57
C VAL D 249 11.79 -31.72 -20.04
N ALA D 250 10.60 -31.87 -19.45
CA ALA D 250 9.84 -30.71 -19.01
C ALA D 250 8.87 -31.12 -17.92
N ILE D 251 8.93 -30.43 -16.79
CA ILE D 251 7.94 -30.64 -15.73
C ILE D 251 6.61 -30.04 -16.17
N GLY D 252 5.53 -30.59 -15.60
CA GLY D 252 4.19 -30.09 -15.90
C GLY D 252 3.47 -29.60 -14.66
N ARG D 253 3.25 -28.30 -14.57
CA ARG D 253 2.62 -27.71 -13.40
C ARG D 253 1.09 -27.81 -13.54
N LEU D 254 0.37 -27.10 -12.68
CA LEU D 254 -1.08 -27.08 -12.72
C LEU D 254 -1.58 -25.73 -12.25
N GLN D 255 -2.82 -25.42 -12.60
CA GLN D 255 -3.43 -24.16 -12.20
C GLN D 255 -4.45 -24.38 -11.09
N THR D 272 -32.19 -18.05 -14.89
CA THR D 272 -31.94 -17.38 -13.62
C THR D 272 -31.58 -15.92 -13.84
N GLU D 273 -30.37 -15.68 -14.33
CA GLU D 273 -29.89 -14.33 -14.58
C GLU D 273 -28.90 -14.36 -15.73
N PHE D 274 -28.71 -13.20 -16.36
CA PHE D 274 -27.79 -13.08 -17.48
C PHE D 274 -27.23 -11.67 -17.53
N ILE D 275 -25.91 -11.55 -17.54
CA ILE D 275 -25.26 -10.24 -17.56
C ILE D 275 -25.46 -9.62 -18.94
N SER D 276 -25.73 -8.32 -18.96
CA SER D 276 -25.97 -7.60 -20.21
C SER D 276 -25.45 -6.18 -20.06
N ARG D 277 -24.40 -5.85 -20.80
CA ARG D 277 -23.87 -4.50 -20.78
C ARG D 277 -24.88 -3.52 -21.37
N HIS D 278 -24.57 -2.23 -21.30
CA HIS D 278 -25.45 -1.20 -21.82
C HIS D 278 -24.65 0.04 -22.14
N ASN D 279 -25.22 0.89 -22.98
CA ASN D 279 -24.68 2.21 -23.26
C ASN D 279 -25.25 3.23 -22.28
N ILE D 280 -24.66 4.43 -22.29
CA ILE D 280 -25.14 5.47 -21.37
C ILE D 280 -26.61 5.77 -21.63
N GLU D 281 -27.05 5.68 -22.88
CA GLU D 281 -28.46 5.92 -23.19
C GLU D 281 -29.35 4.77 -22.76
N GLY D 282 -28.85 3.54 -22.80
CA GLY D 282 -29.63 2.38 -22.43
C GLY D 282 -29.85 1.41 -23.57
N ILE D 283 -28.88 1.33 -24.47
CA ILE D 283 -28.93 0.43 -25.62
C ILE D 283 -28.26 -0.89 -25.23
N PHE D 284 -28.73 -1.98 -25.84
CA PHE D 284 -28.20 -3.31 -25.56
C PHE D 284 -26.90 -3.50 -26.33
N THR D 285 -25.77 -3.43 -25.64
CA THR D 285 -24.46 -3.62 -26.24
C THR D 285 -23.89 -5.01 -26.00
N PHE D 286 -24.61 -5.86 -25.26
CA PHE D 286 -24.14 -7.22 -24.99
C PHE D 286 -25.28 -8.00 -24.35
N VAL D 287 -25.37 -9.28 -24.68
CA VAL D 287 -26.39 -10.17 -24.14
C VAL D 287 -25.76 -11.54 -23.92
N ASP D 288 -25.71 -11.98 -22.67
CA ASP D 288 -25.15 -13.28 -22.37
C ASP D 288 -26.00 -14.38 -22.98
N HIS D 289 -25.39 -15.53 -23.25
CA HIS D 289 -26.12 -16.62 -23.90
C HIS D 289 -27.25 -17.16 -23.04
N ARG D 290 -27.23 -16.90 -21.73
CA ARG D 290 -28.28 -17.42 -20.86
C ARG D 290 -29.64 -16.80 -21.14
N CYS D 291 -29.70 -15.70 -21.90
CA CYS D 291 -30.97 -15.05 -22.18
C CYS D 291 -31.90 -15.94 -22.98
N VAL D 292 -31.37 -16.95 -23.68
CA VAL D 292 -32.23 -17.84 -24.46
C VAL D 292 -33.19 -18.58 -23.54
N ALA D 293 -32.81 -18.81 -22.29
CA ALA D 293 -33.65 -19.48 -21.31
C ALA D 293 -34.22 -18.55 -20.25
N THR D 294 -33.42 -17.59 -19.78
CA THR D 294 -33.89 -16.70 -18.72
C THR D 294 -35.07 -15.86 -19.19
N VAL D 295 -35.01 -15.35 -20.42
CA VAL D 295 -36.08 -14.53 -20.97
C VAL D 295 -36.78 -15.17 -22.16
N GLY D 296 -36.17 -16.18 -22.80
CA GLY D 296 -36.79 -16.83 -23.94
C GLY D 296 -36.57 -16.16 -25.28
N TYR D 297 -35.83 -15.05 -25.31
CA TYR D 297 -35.53 -14.35 -26.55
C TYR D 297 -34.14 -14.72 -27.04
N GLN D 298 -33.99 -14.78 -28.35
CA GLN D 298 -32.66 -14.99 -28.93
C GLN D 298 -31.80 -13.77 -28.65
N PRO D 299 -30.50 -13.95 -28.39
CA PRO D 299 -29.66 -12.78 -28.09
C PRO D 299 -29.66 -11.72 -29.18
N GLN D 300 -29.75 -12.14 -30.45
CA GLN D 300 -29.66 -11.17 -31.54
C GLN D 300 -30.81 -10.17 -31.49
N GLU D 301 -32.02 -10.63 -31.14
CA GLU D 301 -33.18 -9.76 -31.19
C GLU D 301 -33.03 -8.57 -30.25
N LEU D 302 -32.55 -8.81 -29.03
CA LEU D 302 -32.46 -7.74 -28.05
C LEU D 302 -31.41 -6.70 -28.39
N LEU D 303 -30.36 -7.08 -29.12
CA LEU D 303 -29.29 -6.15 -29.42
C LEU D 303 -29.79 -5.00 -30.29
N GLY D 304 -29.24 -3.81 -30.06
CA GLY D 304 -29.54 -2.65 -30.88
C GLY D 304 -30.82 -1.92 -30.54
N LYS D 305 -31.53 -2.35 -29.49
CA LYS D 305 -32.79 -1.73 -29.09
C LYS D 305 -32.69 -1.25 -27.65
N ASN D 306 -33.24 -0.07 -27.38
CA ASN D 306 -33.20 0.48 -26.04
C ASN D 306 -33.99 -0.41 -25.08
N ILE D 307 -33.46 -0.55 -23.86
CA ILE D 307 -34.12 -1.40 -22.87
C ILE D 307 -35.46 -0.81 -22.43
N VAL D 308 -35.70 0.48 -22.69
CA VAL D 308 -36.96 1.09 -22.29
C VAL D 308 -38.12 0.48 -23.05
N GLU D 309 -37.91 0.16 -24.33
CA GLU D 309 -39.01 -0.34 -25.16
C GLU D 309 -39.58 -1.64 -24.60
N PHE D 310 -38.71 -2.56 -24.18
CA PHE D 310 -39.16 -3.86 -23.67
C PHE D 310 -39.86 -3.76 -22.32
N CYS D 311 -39.81 -2.60 -21.66
CA CYS D 311 -40.36 -2.47 -20.32
C CYS D 311 -41.89 -2.55 -20.37
N HIS D 312 -42.49 -2.46 -19.20
CA HIS D 312 -43.94 -2.52 -19.08
C HIS D 312 -44.57 -1.30 -19.78
N PRO D 313 -45.80 -1.43 -20.30
CA PRO D 313 -46.44 -0.31 -21.01
C PRO D 313 -46.22 1.05 -20.34
N GLU D 314 -46.63 1.19 -19.08
CA GLU D 314 -46.38 2.43 -18.32
C GLU D 314 -45.55 2.06 -17.09
N ASP D 315 -44.24 1.95 -17.30
CA ASP D 315 -43.28 1.88 -16.20
C ASP D 315 -41.97 2.57 -16.54
N GLN D 316 -41.87 3.22 -17.70
CA GLN D 316 -40.60 3.74 -18.18
C GLN D 316 -40.01 4.80 -17.25
N GLN D 317 -40.84 5.44 -16.42
CA GLN D 317 -40.32 6.49 -15.54
C GLN D 317 -39.29 5.92 -14.57
N LEU D 318 -39.59 4.78 -13.96
CA LEU D 318 -38.66 4.20 -12.99
C LEU D 318 -37.34 3.83 -13.65
N LEU D 319 -37.41 3.18 -14.82
CA LEU D 319 -36.19 2.75 -15.50
C LEU D 319 -35.37 3.95 -15.96
N ARG D 320 -36.04 4.98 -16.49
CA ARG D 320 -35.32 6.17 -16.92
C ARG D 320 -34.64 6.85 -15.74
N ASP D 321 -35.34 6.95 -14.60
CA ASP D 321 -34.72 7.55 -13.42
C ASP D 321 -33.54 6.72 -12.94
N SER D 322 -33.68 5.40 -12.93
CA SER D 322 -32.58 4.54 -12.50
C SER D 322 -31.37 4.69 -13.41
N PHE D 323 -31.60 4.77 -14.73
CA PHE D 323 -30.49 4.89 -15.66
C PHE D 323 -29.82 6.26 -15.56
N GLN D 324 -30.61 7.31 -15.34
CA GLN D 324 -30.02 8.64 -15.17
C GLN D 324 -29.33 8.78 -13.83
N GLN D 325 -29.69 7.97 -12.84
CA GLN D 325 -29.08 8.05 -11.52
C GLN D 325 -27.84 7.19 -11.39
N VAL D 326 -27.80 6.03 -12.06
CA VAL D 326 -26.63 5.16 -11.96
C VAL D 326 -25.41 5.84 -12.58
N VAL D 327 -25.62 6.58 -13.67
CA VAL D 327 -24.51 7.28 -14.33
C VAL D 327 -24.10 8.56 -13.62
N LYS D 328 -24.91 9.04 -12.69
CA LYS D 328 -24.67 10.31 -12.01
C LYS D 328 -24.20 10.16 -10.57
N LEU D 329 -24.56 9.07 -9.89
CA LEU D 329 -24.21 8.88 -8.49
C LEU D 329 -22.83 8.23 -8.36
N LYS D 330 -21.82 8.91 -8.92
CA LYS D 330 -20.45 8.43 -8.79
C LYS D 330 -20.30 6.94 -8.98
N GLY D 331 -21.10 6.36 -9.86
CA GLY D 331 -20.95 4.93 -10.13
C GLY D 331 -21.21 3.92 -9.04
N GLN D 332 -22.34 4.05 -8.34
CA GLN D 332 -22.75 3.11 -7.31
C GLN D 332 -23.89 2.20 -7.73
N VAL D 333 -23.88 0.98 -7.20
CA VAL D 333 -24.85 -0.03 -7.60
C VAL D 333 -26.25 0.43 -7.24
N LEU D 334 -27.19 0.22 -8.17
CA LEU D 334 -28.59 0.55 -7.97
C LEU D 334 -29.43 -0.69 -8.30
N SER D 335 -30.60 -0.77 -7.67
CA SER D 335 -31.52 -1.89 -7.87
C SER D 335 -32.92 -1.35 -8.11
N VAL D 336 -33.60 -1.94 -9.09
CA VAL D 336 -34.97 -1.56 -9.42
C VAL D 336 -35.68 -2.79 -10.00
N MET D 337 -37.00 -2.82 -9.85
CA MET D 337 -37.82 -3.92 -10.31
C MET D 337 -38.85 -3.40 -11.31
N PHE D 338 -39.22 -4.26 -12.26
CA PHE D 338 -40.18 -3.87 -13.27
C PHE D 338 -40.91 -5.12 -13.78
N ARG D 339 -41.48 -5.05 -14.97
CA ARG D 339 -42.22 -6.17 -15.55
C ARG D 339 -41.74 -6.35 -17.00
N PHE D 340 -40.78 -7.24 -17.19
CA PHE D 340 -40.29 -7.56 -18.52
C PHE D 340 -41.29 -8.43 -19.26
N ARG D 341 -41.29 -8.32 -20.59
CA ARG D 341 -42.15 -9.12 -21.44
C ARG D 341 -41.46 -10.44 -21.79
N SER D 342 -42.07 -11.21 -22.69
CA SER D 342 -41.48 -12.47 -23.12
C SER D 342 -42.07 -12.85 -24.47
N LYS D 343 -41.40 -13.77 -25.14
CA LYS D 343 -41.89 -14.24 -26.44
C LYS D 343 -43.27 -14.87 -26.33
N ASN D 344 -43.65 -15.35 -25.16
CA ASN D 344 -44.98 -15.90 -24.93
C ASN D 344 -46.01 -14.85 -24.53
N GLN D 345 -45.62 -13.57 -24.48
CA GLN D 345 -46.51 -12.47 -24.14
C GLN D 345 -47.04 -12.61 -22.71
N GLU D 346 -46.10 -12.70 -21.77
CA GLU D 346 -46.41 -12.74 -20.35
C GLU D 346 -45.52 -11.76 -19.61
N TRP D 347 -46.03 -11.25 -18.49
CA TRP D 347 -45.32 -10.27 -17.67
C TRP D 347 -44.70 -10.95 -16.47
N LEU D 348 -43.39 -10.78 -16.30
CA LEU D 348 -42.66 -11.37 -15.19
C LEU D 348 -41.80 -10.29 -14.53
N TRP D 349 -41.62 -10.42 -13.22
CA TRP D 349 -40.82 -9.48 -12.45
C TRP D 349 -39.38 -9.97 -12.39
N MET D 350 -38.46 -9.22 -13.02
CA MET D 350 -37.05 -9.58 -12.98
C MET D 350 -36.27 -8.35 -12.56
N ARG D 351 -35.48 -8.49 -11.50
CA ARG D 351 -34.71 -7.36 -10.98
C ARG D 351 -33.44 -7.07 -11.77
N THR D 352 -32.84 -5.91 -11.53
CA THR D 352 -31.62 -5.50 -12.21
C THR D 352 -30.67 -4.86 -11.22
N SER D 353 -29.38 -5.08 -11.42
CA SER D 353 -28.32 -4.47 -10.63
C SER D 353 -27.39 -3.73 -11.59
N SER D 354 -27.48 -2.40 -11.59
CA SER D 354 -26.79 -1.57 -12.57
C SER D 354 -25.70 -0.76 -11.88
N PHE D 355 -24.51 -0.76 -12.48
CA PHE D 355 -23.40 0.06 -12.01
C PHE D 355 -22.48 0.32 -13.18
N THR D 356 -21.95 1.54 -13.26
CA THR D 356 -21.16 1.97 -14.40
C THR D 356 -19.71 1.54 -14.24
N PHE D 357 -19.15 0.94 -15.28
CA PHE D 357 -17.75 0.55 -15.27
C PHE D 357 -16.85 1.77 -15.47
N GLN D 358 -15.70 1.74 -14.80
CA GLN D 358 -14.74 2.83 -14.85
C GLN D 358 -13.36 2.28 -15.23
N ASN D 359 -12.68 2.99 -16.13
CA ASN D 359 -11.35 2.58 -16.54
C ASN D 359 -10.40 2.68 -15.35
N PRO D 360 -9.60 1.64 -15.06
CA PRO D 360 -8.75 1.70 -13.86
C PRO D 360 -7.81 2.89 -13.83
N TYR D 361 -7.22 3.26 -14.97
CA TYR D 361 -6.25 4.36 -15.01
C TYR D 361 -6.90 5.68 -15.43
N SER D 362 -7.48 5.72 -16.64
CA SER D 362 -8.06 6.96 -17.14
C SER D 362 -9.26 7.39 -16.31
N ASP D 363 -9.98 6.44 -15.71
CA ASP D 363 -11.15 6.75 -14.90
C ASP D 363 -12.23 7.43 -15.75
N GLU D 364 -12.68 6.74 -16.79
CA GLU D 364 -13.74 7.24 -17.67
C GLU D 364 -14.85 6.20 -17.76
N ILE D 365 -16.04 6.67 -18.10
CA ILE D 365 -17.20 5.79 -18.17
C ILE D 365 -17.08 4.91 -19.40
N GLU D 366 -17.10 3.59 -19.20
CA GLU D 366 -17.03 2.63 -20.29
C GLU D 366 -18.41 2.14 -20.72
N TYR D 367 -19.21 1.67 -19.77
CA TYR D 367 -20.56 1.19 -20.07
C TYR D 367 -21.24 0.87 -18.73
N ILE D 368 -22.50 0.48 -18.82
CA ILE D 368 -23.31 0.11 -17.66
C ILE D 368 -23.48 -1.39 -17.66
N ILE D 369 -23.18 -2.03 -16.54
CA ILE D 369 -23.29 -3.48 -16.39
C ILE D 369 -24.56 -3.76 -15.59
N CYS D 370 -25.53 -4.41 -16.22
CA CYS D 370 -26.81 -4.74 -15.60
C CYS D 370 -26.95 -6.25 -15.54
N THR D 371 -27.31 -6.76 -14.36
CA THR D 371 -27.57 -8.18 -14.16
C THR D 371 -29.08 -8.35 -14.00
N ASN D 372 -29.74 -8.76 -15.09
CA ASN D 372 -31.19 -8.88 -15.12
C ASN D 372 -31.61 -10.16 -14.38
N THR D 373 -31.42 -10.16 -13.07
CA THR D 373 -31.76 -11.35 -12.31
C THR D 373 -33.26 -11.49 -12.26
N ASN D 374 -33.76 -12.72 -12.35
CA ASN D 374 -35.19 -12.94 -12.37
C ASN D 374 -35.72 -13.37 -11.01
N VAL D 375 -36.88 -12.84 -10.61
CA VAL D 375 -37.47 -13.17 -9.33
C VAL D 375 -38.03 -14.59 -9.36
N ARG E 31 47.13 23.14 -24.10
CA ARG E 31 47.04 22.70 -22.71
C ARG E 31 47.34 23.84 -21.74
N ASP E 32 46.67 24.97 -21.93
CA ASP E 32 46.77 26.11 -21.02
C ASP E 32 45.44 26.50 -20.43
N ALA E 33 44.40 26.59 -21.26
CA ALA E 33 43.07 26.92 -20.74
C ALA E 33 42.59 25.86 -19.76
N ALA E 34 42.84 24.58 -20.06
CA ALA E 34 42.46 23.52 -19.14
C ALA E 34 43.13 23.71 -17.78
N ARG E 35 44.39 24.13 -17.78
CA ARG E 35 45.08 24.37 -16.52
C ARG E 35 44.82 25.78 -16.00
N CYS E 36 44.14 26.60 -16.79
CA CYS E 36 43.83 27.97 -16.40
C CYS E 36 42.37 28.16 -16.05
N ARG E 37 41.46 27.75 -16.93
CA ARG E 37 40.03 27.91 -16.64
C ARG E 37 39.63 27.11 -15.41
N ARG E 38 40.12 25.89 -15.29
CA ARG E 38 39.77 25.06 -14.13
C ARG E 38 40.18 25.75 -12.83
N SER E 39 41.40 26.31 -12.80
CA SER E 39 41.79 27.12 -11.66
C SER E 39 40.94 28.38 -11.58
N LYS E 40 40.60 28.96 -12.72
CA LYS E 40 39.73 30.13 -12.74
C LYS E 40 38.34 29.78 -12.20
N GLU E 41 37.81 28.64 -12.60
CA GLU E 41 36.48 28.24 -12.13
C GLU E 41 36.46 28.06 -10.61
N THR E 42 37.49 27.40 -10.06
CA THR E 42 37.55 27.22 -8.61
C THR E 42 37.66 28.57 -7.91
N GLU E 43 38.47 29.48 -8.45
CA GLU E 43 38.56 30.82 -7.90
C GLU E 43 37.20 31.52 -7.97
N VAL E 44 36.38 31.19 -8.96
CA VAL E 44 35.06 31.77 -9.06
C VAL E 44 34.07 31.00 -8.20
N PHE E 45 34.15 29.67 -8.15
CA PHE E 45 33.11 28.92 -7.45
C PHE E 45 32.86 29.36 -6.00
N TYR E 46 33.87 29.94 -5.37
CA TYR E 46 33.72 30.34 -3.97
C TYR E 46 33.47 31.81 -3.86
N GLU E 47 33.45 32.52 -5.00
CA GLU E 47 33.08 33.91 -4.97
C GLU E 47 31.72 34.01 -4.35
N LEU E 48 30.75 33.37 -4.99
CA LEU E 48 29.39 33.40 -4.50
C LEU E 48 29.25 32.41 -3.36
N ALA E 49 30.05 31.34 -3.33
CA ALA E 49 29.90 30.46 -2.19
C ALA E 49 30.05 31.25 -0.91
N HIS E 50 31.11 32.07 -0.84
CA HIS E 50 31.33 32.83 0.37
C HIS E 50 30.21 33.80 0.60
N GLU E 51 29.61 34.30 -0.48
CA GLU E 51 28.52 35.27 -0.35
C GLU E 51 27.32 34.69 0.37
N LEU E 52 27.28 33.38 0.58
CA LEU E 52 26.10 32.78 1.18
C LEU E 52 26.02 33.18 2.65
N PRO E 53 24.81 33.28 3.20
CA PRO E 53 24.65 33.70 4.61
C PRO E 53 25.00 32.58 5.59
N LEU E 54 26.26 32.15 5.56
CA LEU E 54 26.75 31.09 6.41
C LEU E 54 28.14 31.48 6.91
N PRO E 55 28.60 30.87 8.01
CA PRO E 55 29.94 31.20 8.51
C PRO E 55 31.00 30.90 7.46
N HIS E 56 32.05 31.73 7.46
CA HIS E 56 33.09 31.61 6.45
C HIS E 56 33.78 30.25 6.56
N SER E 57 34.07 29.81 7.78
CA SER E 57 34.75 28.52 7.96
C SER E 57 33.94 27.39 7.36
N VAL E 58 32.63 27.35 7.63
CA VAL E 58 31.78 26.32 7.05
C VAL E 58 31.60 26.56 5.56
N SER E 59 31.45 27.82 5.14
CA SER E 59 31.22 28.12 3.74
C SER E 59 32.41 27.79 2.86
N SER E 60 33.61 27.65 3.44
CA SER E 60 34.82 27.36 2.69
C SER E 60 35.08 25.87 2.54
N HIS E 61 34.17 25.01 2.99
CA HIS E 61 34.34 23.57 2.96
C HIS E 61 33.16 22.90 2.26
N LEU E 62 32.78 23.43 1.11
CA LEU E 62 31.68 22.88 0.31
C LEU E 62 32.24 22.32 -0.99
N ASP E 63 31.69 21.18 -1.43
CA ASP E 63 32.28 20.41 -2.52
C ASP E 63 31.72 20.79 -3.89
N LYS E 64 31.85 22.10 -4.20
CA LYS E 64 31.45 22.65 -5.52
C LYS E 64 30.09 22.29 -6.07
N ALA E 65 29.23 21.73 -5.24
CA ALA E 65 27.89 21.37 -5.68
C ALA E 65 26.90 21.89 -4.65
N SER E 66 27.25 21.79 -3.36
CA SER E 66 26.40 22.34 -2.32
C SER E 66 26.32 23.83 -2.50
N ILE E 67 27.39 24.43 -3.02
CA ILE E 67 27.41 25.88 -3.20
C ILE E 67 26.23 26.32 -4.07
N MET E 68 26.07 25.68 -5.22
CA MET E 68 24.93 26.00 -6.08
C MET E 68 23.62 25.54 -5.45
N ARG E 69 23.62 24.35 -4.85
CA ARG E 69 22.40 23.84 -4.23
C ARG E 69 21.86 24.80 -3.19
N LEU E 70 22.73 25.55 -2.53
CA LEU E 70 22.31 26.54 -1.54
C LEU E 70 22.04 27.91 -2.16
N ALA E 71 22.84 28.33 -3.14
CA ALA E 71 22.63 29.63 -3.75
C ALA E 71 21.28 29.70 -4.47
N ILE E 72 20.96 28.67 -5.25
CA ILE E 72 19.69 28.66 -5.97
C ILE E 72 18.53 28.66 -4.99
N SER E 73 18.62 27.84 -3.95
CA SER E 73 17.54 27.78 -2.95
C SER E 73 17.37 29.12 -2.25
N PHE E 74 18.48 29.77 -1.89
CA PHE E 74 18.40 31.06 -1.24
C PHE E 74 17.74 32.09 -2.15
N LEU E 75 18.13 32.12 -3.42
CA LEU E 75 17.52 33.06 -4.35
C LEU E 75 16.03 32.80 -4.49
N ARG E 76 15.64 31.54 -4.64
CA ARG E 76 14.23 31.21 -4.82
C ARG E 76 13.41 31.57 -3.59
N THR E 77 13.91 31.27 -2.39
CA THR E 77 13.16 31.59 -1.18
C THR E 77 13.09 33.10 -0.97
N HIS E 78 14.15 33.83 -1.31
CA HIS E 78 14.10 35.28 -1.23
C HIS E 78 13.05 35.84 -2.18
N LYS E 79 12.97 35.31 -3.40
CA LYS E 79 11.95 35.74 -4.33
C LYS E 79 10.55 35.44 -3.81
N LEU E 80 10.36 34.20 -3.36
CA LEU E 80 9.05 33.81 -2.89
C LEU E 80 8.69 34.67 -1.71
N LEU E 81 9.68 34.94 -0.87
CA LEU E 81 9.45 35.74 0.31
C LEU E 81 9.07 37.16 -0.08
N SER E 82 9.74 37.71 -1.09
CA SER E 82 9.41 39.06 -1.54
C SER E 82 8.00 39.12 -2.08
N SER E 83 7.64 38.17 -2.92
CA SER E 83 6.29 38.12 -3.48
C SER E 83 5.23 38.11 -2.38
N VAL E 84 5.42 37.25 -1.37
CA VAL E 84 4.43 37.10 -0.31
C VAL E 84 4.41 38.34 0.59
N CYS E 85 5.59 38.90 0.87
CA CYS E 85 5.73 39.97 1.84
C CYS E 85 4.64 41.03 1.69
N MET E 98 9.62 40.49 20.41
CA MET E 98 9.21 39.09 20.46
C MET E 98 9.28 38.41 19.10
N ASP E 99 9.88 39.06 18.10
CA ASP E 99 9.90 38.49 16.76
C ASP E 99 10.67 37.17 16.74
N ASN E 100 11.80 37.11 17.44
CA ASN E 100 12.65 35.92 17.43
C ASN E 100 12.16 34.81 18.36
N LEU E 101 10.91 34.90 18.83
CA LEU E 101 10.34 33.88 19.71
C LEU E 101 9.38 32.94 18.98
N TYR E 102 8.95 33.27 17.77
CA TYR E 102 7.98 32.43 17.07
C TYR E 102 8.54 31.04 16.82
N LEU E 103 9.77 30.94 16.35
CA LEU E 103 10.33 29.64 16.04
C LEU E 103 10.54 28.84 17.34
N LYS E 104 11.02 29.50 18.40
CA LYS E 104 11.23 28.79 19.66
C LYS E 104 9.93 28.25 20.21
N ALA E 105 8.85 29.05 20.14
CA ALA E 105 7.56 28.59 20.64
C ALA E 105 7.06 27.39 19.85
N LEU E 106 7.33 27.35 18.56
CA LEU E 106 6.78 26.32 17.70
C LEU E 106 7.28 24.94 18.11
N GLU E 107 6.40 23.94 17.98
CA GLU E 107 6.73 22.55 18.27
C GLU E 107 7.18 21.78 17.03
N GLY E 108 7.18 22.42 15.86
CA GLY E 108 7.60 21.76 14.63
C GLY E 108 8.63 22.57 13.87
N PHE E 109 8.97 22.14 12.66
CA PHE E 109 9.94 22.82 11.82
C PHE E 109 9.27 23.25 10.52
N ILE E 110 9.42 24.52 10.17
CA ILE E 110 8.86 25.03 8.93
C ILE E 110 9.60 24.41 7.74
N ALA E 111 8.88 24.17 6.65
CA ALA E 111 9.47 23.62 5.45
C ALA E 111 8.71 24.17 4.24
N VAL E 112 9.45 24.40 3.15
CA VAL E 112 8.89 24.92 1.91
C VAL E 112 9.23 23.95 0.80
N VAL E 113 8.25 23.63 -0.04
CA VAL E 113 8.42 22.71 -1.15
C VAL E 113 7.81 23.33 -2.40
N THR E 114 8.51 23.20 -3.52
CA THR E 114 8.04 23.75 -4.77
C THR E 114 7.35 22.66 -5.57
N GLN E 115 7.00 22.95 -6.82
CA GLN E 115 6.30 21.97 -7.65
C GLN E 115 7.16 20.73 -7.88
N ASP E 116 8.43 20.93 -8.22
CA ASP E 116 9.31 19.79 -8.48
C ASP E 116 9.51 18.96 -7.23
N GLY E 117 9.71 19.61 -6.08
CA GLY E 117 9.92 18.92 -4.83
C GLY E 117 11.26 19.24 -4.20
N ASP E 118 11.82 20.40 -4.54
CA ASP E 118 13.12 20.83 -4.03
C ASP E 118 12.90 21.75 -2.84
N MET E 119 13.24 21.27 -1.65
CA MET E 119 13.13 22.10 -0.46
C MET E 119 13.98 23.36 -0.62
N ILE E 120 13.34 24.52 -0.71
CA ILE E 120 14.04 25.79 -0.88
C ILE E 120 14.27 26.50 0.43
N PHE E 121 13.86 25.92 1.56
CA PHE E 121 14.12 26.51 2.86
C PHE E 121 13.66 25.51 3.93
N LEU E 122 14.37 25.51 5.06
CA LEU E 122 14.01 24.70 6.21
C LEU E 122 14.34 25.45 7.47
N SER E 123 13.62 25.12 8.54
CA SER E 123 13.80 25.79 9.81
C SER E 123 15.19 25.51 10.38
N GLU E 124 15.73 26.48 11.12
CA GLU E 124 17.04 26.33 11.71
C GLU E 124 17.06 25.29 12.83
N ASN E 125 15.89 24.90 13.34
CA ASN E 125 15.79 23.96 14.45
C ASN E 125 15.45 22.55 14.00
N ILE E 126 15.54 22.26 12.71
CA ILE E 126 15.23 20.91 12.22
C ILE E 126 16.18 19.89 12.84
N SER E 127 17.39 20.32 13.22
CA SER E 127 18.36 19.39 13.79
C SER E 127 17.83 18.77 15.08
N LYS E 128 17.01 19.50 15.83
CA LYS E 128 16.52 18.97 17.11
C LYS E 128 15.69 17.71 16.89
N PHE E 129 14.78 17.73 15.92
CA PHE E 129 13.93 16.59 15.66
C PHE E 129 14.64 15.56 14.79
N MET E 130 15.01 15.94 13.58
CA MET E 130 15.73 15.07 12.67
C MET E 130 17.23 15.27 12.82
N GLY E 131 17.98 14.17 12.72
CA GLY E 131 19.43 14.25 12.84
C GLY E 131 20.09 15.06 11.75
N LEU E 132 19.36 15.32 10.66
CA LEU E 132 19.90 16.13 9.58
C LEU E 132 19.89 17.61 9.97
N THR E 133 20.61 18.40 9.18
CA THR E 133 20.71 19.82 9.45
C THR E 133 20.26 20.63 8.27
N GLN E 134 20.14 21.93 8.46
CA GLN E 134 19.66 22.80 7.39
C GLN E 134 20.66 22.84 6.23
N VAL E 135 21.96 22.88 6.53
CA VAL E 135 22.97 23.07 5.50
C VAL E 135 22.95 21.91 4.52
N GLU E 136 22.84 20.67 5.02
CA GLU E 136 22.95 19.49 4.18
C GLU E 136 21.60 18.99 3.68
N LEU E 137 20.51 19.70 3.97
CA LEU E 137 19.18 19.29 3.53
C LEU E 137 18.40 20.48 3.00
N THR E 138 19.08 21.32 2.23
CA THR E 138 18.45 22.50 1.64
C THR E 138 18.67 22.46 0.14
N GLY E 139 17.74 21.85 -0.60
CA GLY E 139 17.83 21.78 -2.04
C GLY E 139 17.60 20.39 -2.58
N HIS E 140 17.80 19.37 -1.75
CA HIS E 140 17.59 18.00 -2.17
C HIS E 140 16.11 17.73 -2.41
N SER E 141 15.82 16.91 -3.43
CA SER E 141 14.44 16.58 -3.73
C SER E 141 13.78 15.90 -2.54
N ILE E 142 12.55 16.32 -2.23
CA ILE E 142 11.84 15.75 -1.09
C ILE E 142 11.59 14.26 -1.29
N PHE E 143 11.47 13.82 -2.55
CA PHE E 143 11.24 12.41 -2.83
C PHE E 143 12.44 11.54 -2.48
N ASP E 144 13.60 12.12 -2.20
CA ASP E 144 14.77 11.37 -1.80
C ASP E 144 14.82 11.13 -0.29
N PHE E 145 13.92 11.72 0.48
CA PHE E 145 13.89 11.60 1.94
C PHE E 145 12.48 11.25 2.40
N THR E 146 11.87 10.26 1.75
CA THR E 146 10.53 9.83 2.10
C THR E 146 10.36 8.37 1.68
N HIS E 147 9.50 7.66 2.39
CA HIS E 147 9.24 6.27 2.06
C HIS E 147 8.65 6.17 0.65
N PRO E 148 9.05 5.18 -0.15
CA PRO E 148 8.50 5.10 -1.51
C PRO E 148 6.99 4.97 -1.55
N CYS E 149 6.38 4.32 -0.56
CA CYS E 149 4.93 4.15 -0.56
C CYS E 149 4.19 5.47 -0.35
N ASP E 150 4.83 6.46 0.26
CA ASP E 150 4.18 7.73 0.57
C ASP E 150 4.41 8.79 -0.49
N HIS E 151 5.07 8.46 -1.60
CA HIS E 151 5.34 9.46 -2.62
C HIS E 151 4.05 9.97 -3.27
N GLU E 152 3.08 9.07 -3.47
CA GLU E 152 1.86 9.44 -4.18
C GLU E 152 1.09 10.53 -3.42
N GLU E 153 1.00 10.40 -2.10
CA GLU E 153 0.28 11.40 -1.32
C GLU E 153 0.92 12.77 -1.45
N ILE E 154 2.24 12.85 -1.36
CA ILE E 154 2.93 14.13 -1.49
C ILE E 154 2.72 14.68 -2.90
N ARG E 155 2.82 13.82 -3.91
CA ARG E 155 2.65 14.29 -5.29
C ARG E 155 1.25 14.87 -5.48
N GLU E 156 0.23 14.21 -4.92
CA GLU E 156 -1.12 14.75 -5.02
C GLU E 156 -1.24 16.07 -4.27
N ASN E 157 -0.62 16.15 -3.07
CA ASN E 157 -0.76 17.35 -2.25
C ASN E 157 -0.11 18.56 -2.91
N LEU E 158 1.04 18.38 -3.54
CA LEU E 158 1.75 19.51 -4.14
C LEU E 158 0.89 20.18 -5.21
N SER E 159 0.25 19.39 -6.06
CA SER E 159 -0.55 19.95 -7.15
C SER E 159 -1.73 20.72 -6.59
N LEU E 160 -2.09 21.82 -7.26
CA LEU E 160 -3.21 22.65 -6.85
C LEU E 160 -4.53 21.88 -6.98
N SER E 174 -9.92 25.82 -2.42
CA SER E 174 -9.43 24.76 -1.54
C SER E 174 -7.91 24.69 -1.58
N THR E 175 -7.27 25.39 -0.64
CA THR E 175 -5.81 25.42 -0.56
C THR E 175 -5.26 24.73 0.70
N GLU E 176 -6.08 24.55 1.72
CA GLU E 176 -5.61 23.91 2.94
C GLU E 176 -5.23 22.45 2.65
N ARG E 177 -4.19 21.98 3.34
CA ARG E 177 -3.69 20.62 3.17
C ARG E 177 -3.40 20.01 4.53
N ASP E 178 -3.49 18.69 4.61
CA ASP E 178 -3.22 17.98 5.86
C ASP E 178 -2.96 16.53 5.51
N PHE E 179 -1.74 16.06 5.79
CA PHE E 179 -1.35 14.70 5.45
C PHE E 179 -0.25 14.24 6.39
N PHE E 180 -0.08 12.92 6.46
CA PHE E 180 0.99 12.29 7.22
C PHE E 180 1.99 11.66 6.24
N MET E 181 3.27 11.96 6.44
CA MET E 181 4.33 11.38 5.62
C MET E 181 5.47 10.94 6.53
N ARG E 182 6.25 9.98 6.04
CA ARG E 182 7.40 9.45 6.76
C ARG E 182 8.66 10.07 6.20
N MET E 183 9.46 10.68 7.07
CA MET E 183 10.71 11.32 6.69
C MET E 183 11.87 10.67 7.44
N LYS E 184 13.00 10.53 6.77
CA LYS E 184 14.15 9.88 7.36
C LYS E 184 14.60 10.62 8.62
N CYS E 185 14.91 9.86 9.66
CA CYS E 185 15.42 10.41 10.92
C CYS E 185 16.66 9.62 11.32
N THR E 186 17.66 10.34 11.81
CA THR E 186 18.93 9.75 12.22
C THR E 186 19.27 10.13 13.64
N VAL E 187 18.27 10.26 14.49
CA VAL E 187 18.44 10.57 15.90
C VAL E 187 18.02 9.35 16.70
N THR E 188 18.97 8.74 17.41
CA THR E 188 18.66 7.57 18.22
C THR E 188 17.85 7.96 19.45
N ASN E 189 17.24 6.96 20.07
CA ASN E 189 16.40 7.21 21.24
C ASN E 189 17.21 7.87 22.35
N ARG E 190 18.48 7.49 22.49
CA ARG E 190 19.34 8.06 23.53
C ARG E 190 19.71 9.51 23.26
N GLY E 191 19.41 10.03 22.08
CA GLY E 191 19.69 11.42 21.75
C GLY E 191 20.99 11.66 21.01
N ARG E 192 21.74 10.60 20.74
CA ARG E 192 23.02 10.72 20.07
C ARG E 192 22.83 10.69 18.55
N THR E 193 23.36 11.69 17.85
CA THR E 193 23.20 11.73 16.40
C THR E 193 23.90 10.54 15.75
N VAL E 194 23.31 10.04 14.66
CA VAL E 194 23.83 8.89 13.94
C VAL E 194 23.93 9.26 12.46
N ASN E 195 24.83 8.56 11.77
CA ASN E 195 25.01 8.79 10.35
C ASN E 195 23.76 8.49 9.56
N LEU E 196 23.63 9.13 8.40
CA LEU E 196 22.44 8.93 7.58
C LEU E 196 22.36 7.52 7.02
N LYS E 197 23.46 6.76 7.04
CA LYS E 197 23.45 5.41 6.51
C LYS E 197 22.61 4.45 7.34
N SER E 198 22.17 4.85 8.53
CA SER E 198 21.34 4.04 9.40
C SER E 198 20.08 4.80 9.79
N ALA E 199 19.45 5.42 8.80
CA ALA E 199 18.25 6.22 9.05
C ALA E 199 17.09 5.33 9.47
N THR E 200 16.28 5.82 10.40
CA THR E 200 15.06 5.15 10.85
C THR E 200 13.88 6.04 10.55
N TRP E 201 12.84 5.47 9.94
CA TRP E 201 11.70 6.27 9.50
C TRP E 201 10.96 6.86 10.68
N LYS E 202 10.49 8.10 10.51
CA LYS E 202 9.74 8.81 11.54
C LYS E 202 8.53 9.46 10.89
N VAL E 203 7.40 9.42 11.59
CA VAL E 203 6.14 9.96 11.07
C VAL E 203 6.01 11.41 11.50
N LEU E 204 5.63 12.27 10.56
CA LEU E 204 5.47 13.70 10.80
C LEU E 204 4.06 14.12 10.41
N HIS E 205 3.39 14.85 11.29
CA HIS E 205 2.07 15.39 11.02
C HIS E 205 2.23 16.80 10.45
N CYS E 206 1.77 16.99 9.22
CA CYS E 206 2.02 18.21 8.46
C CYS E 206 0.72 18.96 8.19
N THR E 207 0.78 20.28 8.35
CA THR E 207 -0.33 21.16 8.02
C THR E 207 0.20 22.40 7.31
N GLY E 208 -0.65 23.01 6.51
CA GLY E 208 -0.26 24.19 5.76
C GLY E 208 -1.24 24.46 4.64
N GLN E 209 -0.83 25.37 3.75
CA GLN E 209 -1.65 25.75 2.62
C GLN E 209 -0.77 26.01 1.40
N VAL E 210 -1.20 25.48 0.25
CA VAL E 210 -0.48 25.73 -0.99
C VAL E 210 -0.57 27.21 -1.35
N LYS E 211 0.48 27.73 -1.97
CA LYS E 211 0.55 29.13 -2.36
C LYS E 211 1.13 29.22 -3.77
N VAL E 212 0.82 30.33 -4.43
CA VAL E 212 1.30 30.61 -5.78
C VAL E 212 1.92 32.00 -5.78
N TYR E 213 3.09 32.12 -6.40
CA TYR E 213 3.82 33.38 -6.47
C TYR E 213 4.16 33.70 -7.92
N ASN E 214 4.25 34.98 -8.23
CA ASN E 214 4.56 35.43 -9.57
C ASN E 214 6.05 35.25 -9.88
N LEU E 230 3.85 28.29 -11.39
CA LEU E 230 4.59 28.87 -10.27
C LEU E 230 3.93 28.52 -8.95
N SER E 231 3.86 27.23 -8.64
CA SER E 231 3.24 26.76 -7.41
C SER E 231 4.25 26.81 -6.27
N CYS E 232 3.82 26.32 -5.10
CA CYS E 232 4.71 26.22 -3.95
C CYS E 232 3.94 25.52 -2.83
N LEU E 233 4.52 25.47 -1.64
CA LEU E 233 3.88 24.81 -0.52
C LEU E 233 4.61 25.15 0.78
N ILE E 234 3.85 25.57 1.80
CA ILE E 234 4.41 25.92 3.11
C ILE E 234 3.79 24.96 4.12
N ILE E 235 4.57 23.96 4.54
CA ILE E 235 4.09 22.91 5.43
C ILE E 235 4.86 23.02 6.74
N MET E 236 4.14 23.06 7.85
CA MET E 236 4.72 23.13 9.19
C MET E 236 4.59 21.75 9.83
N CYS E 237 5.58 20.89 9.55
CA CYS E 237 5.53 19.52 10.04
C CYS E 237 5.85 19.45 11.53
N GLU E 238 5.16 18.55 12.22
CA GLU E 238 5.41 18.27 13.64
C GLU E 238 5.51 16.77 13.84
N PRO E 239 6.22 16.34 14.88
CA PRO E 239 6.26 14.92 15.22
C PRO E 239 5.17 14.54 16.22
N ILE E 240 5.07 13.24 16.47
CA ILE E 240 4.08 12.69 17.39
C ILE E 240 4.83 12.02 18.53
N GLN E 241 4.50 12.42 19.76
CA GLN E 241 5.22 11.88 20.92
C GLN E 241 4.89 10.42 21.15
N HIS E 242 5.90 9.64 21.48
CA HIS E 242 5.71 8.23 21.75
C HIS E 242 5.06 8.05 23.13
N PRO E 243 4.03 7.20 23.26
CA PRO E 243 3.41 7.04 24.59
C PRO E 243 4.39 6.56 25.65
N SER E 244 5.35 5.71 25.29
CA SER E 244 6.28 5.16 26.27
C SER E 244 7.44 6.10 26.58
N HIS E 245 7.63 7.15 25.79
CA HIS E 245 8.69 8.13 26.01
C HIS E 245 8.10 9.53 26.19
N MET E 246 6.96 9.59 26.87
CA MET E 246 6.27 10.86 27.05
C MET E 246 7.08 11.79 27.94
N ASP E 247 7.08 13.06 27.59
CA ASP E 247 7.75 14.10 28.37
C ASP E 247 6.84 15.26 28.74
N ILE E 248 5.90 15.62 27.86
CA ILE E 248 5.03 16.74 28.15
C ILE E 248 4.04 16.35 29.25
N PRO E 249 3.88 17.21 30.27
CA PRO E 249 3.00 16.84 31.38
C PRO E 249 1.56 16.67 30.93
N LEU E 250 0.85 15.80 31.64
CA LEU E 250 -0.55 15.52 31.36
C LEU E 250 -1.44 16.49 32.15
N ASP E 251 -2.75 16.24 32.14
CA ASP E 251 -3.70 17.06 32.86
C ASP E 251 -4.73 16.14 33.49
N SER E 252 -5.84 16.72 33.97
CA SER E 252 -6.89 15.98 34.64
C SER E 252 -7.93 15.42 33.66
N LYS E 253 -7.78 15.65 32.36
CA LYS E 253 -8.72 15.20 31.35
C LYS E 253 -8.01 14.39 30.26
N THR E 254 -7.15 13.47 30.69
CA THR E 254 -6.40 12.61 29.77
C THR E 254 -6.28 11.23 30.39
N PHE E 255 -6.82 10.23 29.70
CA PHE E 255 -6.76 8.84 30.16
C PHE E 255 -6.19 7.97 29.06
N LEU E 256 -5.22 7.14 29.41
CA LEU E 256 -4.59 6.25 28.45
C LEU E 256 -5.51 5.06 28.18
N SER E 257 -5.09 4.20 27.25
CA SER E 257 -5.84 3.01 26.90
C SER E 257 -5.02 2.20 25.90
N ARG E 258 -5.34 0.92 25.80
CA ARG E 258 -4.67 0.00 24.90
C ARG E 258 -5.71 -0.76 24.09
N HIS E 259 -5.50 -0.83 22.78
CA HIS E 259 -6.44 -1.46 21.87
C HIS E 259 -5.76 -2.61 21.14
N SER E 260 -6.52 -3.67 20.86
CA SER E 260 -6.02 -4.75 20.05
C SER E 260 -5.85 -4.27 18.60
N MET E 261 -5.12 -5.07 17.82
CA MET E 261 -4.78 -4.65 16.47
C MET E 261 -6.01 -4.39 15.61
N ASP E 262 -7.16 -4.98 15.95
CA ASP E 262 -8.41 -4.75 15.23
C ASP E 262 -9.30 -3.74 15.95
N MET E 263 -8.69 -2.80 16.67
CA MET E 263 -9.43 -1.76 17.39
C MET E 263 -10.42 -2.37 18.38
N LYS E 264 -9.94 -3.36 19.13
CA LYS E 264 -10.71 -4.01 20.19
C LYS E 264 -10.07 -3.69 21.53
N PHE E 265 -10.87 -3.16 22.46
CA PHE E 265 -10.34 -2.80 23.77
C PHE E 265 -9.74 -4.01 24.46
N THR E 266 -8.56 -3.83 25.03
CA THR E 266 -7.89 -4.87 25.81
C THR E 266 -7.42 -4.41 27.18
N TYR E 267 -7.14 -3.13 27.38
CA TYR E 267 -6.75 -2.62 28.68
C TYR E 267 -7.11 -1.14 28.73
N CYS E 268 -8.03 -0.77 29.62
CA CYS E 268 -8.55 0.59 29.70
C CYS E 268 -8.24 1.17 31.06
N ASP E 269 -7.85 2.46 31.05
CA ASP E 269 -7.58 3.16 32.29
C ASP E 269 -8.85 3.31 33.10
N ASP E 270 -8.69 3.45 34.40
CA ASP E 270 -9.85 3.57 35.29
C ASP E 270 -10.44 4.98 35.31
N ARG E 271 -9.94 5.90 34.49
CA ARG E 271 -10.43 7.27 34.50
C ARG E 271 -11.72 7.44 33.70
N ILE E 272 -12.09 6.47 32.84
CA ILE E 272 -13.29 6.64 32.03
C ILE E 272 -14.54 6.65 32.90
N THR E 273 -14.50 6.00 34.06
CA THR E 273 -15.68 5.95 34.91
C THR E 273 -16.13 7.32 35.36
N GLU E 274 -15.25 8.33 35.29
CA GLU E 274 -15.58 9.69 35.72
C GLU E 274 -15.88 10.62 34.56
N LEU E 275 -15.32 10.37 33.39
CA LEU E 275 -15.43 11.29 32.25
C LEU E 275 -16.54 10.87 31.29
N ILE E 276 -16.48 9.66 30.75
CA ILE E 276 -17.47 9.23 29.77
C ILE E 276 -18.72 8.70 30.47
N GLY E 277 -18.55 7.68 31.31
CA GLY E 277 -19.68 7.05 31.98
C GLY E 277 -19.63 5.54 31.91
N TYR E 278 -18.55 5.00 31.36
CA TYR E 278 -18.38 3.56 31.21
C TYR E 278 -17.44 3.04 32.29
N HIS E 279 -17.84 1.97 32.96
CA HIS E 279 -16.95 1.33 33.91
C HIS E 279 -15.82 0.61 33.17
N PRO E 280 -14.63 0.51 33.78
CA PRO E 280 -13.53 -0.16 33.07
C PRO E 280 -13.83 -1.59 32.67
N GLU E 281 -14.61 -2.31 33.49
CA GLU E 281 -14.92 -3.71 33.20
C GLU E 281 -15.97 -3.88 32.11
N GLU E 282 -16.63 -2.81 31.70
CA GLU E 282 -17.70 -2.90 30.70
C GLU E 282 -17.17 -2.71 29.29
N LEU E 283 -15.90 -2.34 29.14
CA LEU E 283 -15.34 -2.02 27.84
C LEU E 283 -14.35 -3.05 27.33
N LEU E 284 -13.87 -3.95 28.19
CA LEU E 284 -12.87 -4.94 27.78
C LEU E 284 -13.53 -5.98 26.88
N GLY E 285 -13.24 -5.89 25.58
CA GLY E 285 -13.72 -6.89 24.64
C GLY E 285 -14.56 -6.32 23.51
N ARG E 286 -15.41 -5.34 23.84
CA ARG E 286 -16.30 -4.77 22.82
C ARG E 286 -15.49 -3.99 21.79
N SER E 287 -15.94 -4.07 20.54
CA SER E 287 -15.25 -3.37 19.47
C SER E 287 -15.36 -1.87 19.66
N ALA E 288 -14.28 -1.15 19.32
CA ALA E 288 -14.26 0.29 19.52
C ALA E 288 -15.24 1.01 18.60
N TYR E 289 -15.47 0.48 17.39
CA TYR E 289 -16.30 1.17 16.42
C TYR E 289 -17.75 1.29 16.86
N GLU E 290 -18.16 0.54 17.89
CA GLU E 290 -19.53 0.58 18.38
C GLU E 290 -19.76 1.67 19.41
N PHE E 291 -18.90 2.68 19.44
CA PHE E 291 -19.07 3.80 20.37
C PHE E 291 -19.00 5.14 19.65
N TYR E 292 -18.23 5.20 18.56
CA TYR E 292 -18.14 6.42 17.79
C TYR E 292 -19.50 6.76 17.18
N HIS E 293 -19.78 8.05 17.09
CA HIS E 293 -21.00 8.51 16.43
C HIS E 293 -20.94 8.15 14.95
N ALA E 294 -22.12 7.97 14.35
CA ALA E 294 -22.18 7.50 12.97
C ALA E 294 -21.50 8.47 12.02
N LEU E 295 -21.71 9.78 12.21
CA LEU E 295 -21.16 10.76 11.29
C LEU E 295 -19.64 10.76 11.26
N ASP E 296 -18.99 10.33 12.34
CA ASP E 296 -17.53 10.31 12.42
C ASP E 296 -16.93 8.96 12.04
N SER E 297 -17.77 8.00 11.59
CA SER E 297 -17.27 6.67 11.28
C SER E 297 -16.26 6.71 10.14
N GLU E 298 -16.53 7.51 9.11
CA GLU E 298 -15.61 7.60 7.97
C GLU E 298 -14.26 8.16 8.40
N ASN E 299 -14.28 9.23 9.19
CA ASN E 299 -13.03 9.82 9.65
C ASN E 299 -12.25 8.84 10.52
N MET E 300 -12.94 8.14 11.42
CA MET E 300 -12.25 7.19 12.28
C MET E 300 -11.70 6.02 11.49
N THR E 301 -12.42 5.56 10.47
CA THR E 301 -11.92 4.49 9.62
C THR E 301 -10.67 4.93 8.88
N LYS E 302 -10.68 6.15 8.34
CA LYS E 302 -9.50 6.66 7.66
C LYS E 302 -8.31 6.77 8.61
N SER E 303 -8.55 7.28 9.82
CA SER E 303 -7.47 7.41 10.79
C SER E 303 -6.92 6.05 11.19
N HIS E 304 -7.81 5.08 11.36
CA HIS E 304 -7.37 3.74 11.73
C HIS E 304 -6.53 3.14 10.63
N GLN E 305 -6.97 3.29 9.39
CA GLN E 305 -6.22 2.78 8.25
C GLN E 305 -4.84 3.42 8.18
N ASN E 306 -4.77 4.73 8.39
CA ASN E 306 -3.47 5.41 8.40
C ASN E 306 -2.59 4.87 9.52
N LEU E 307 -3.18 4.64 10.69
CA LEU E 307 -2.41 4.09 11.81
C LEU E 307 -1.86 2.72 11.48
N CYS E 308 -2.70 1.86 10.88
CA CYS E 308 -2.25 0.51 10.54
C CYS E 308 -1.14 0.55 9.50
N THR E 309 -1.27 1.39 8.48
CA THR E 309 -0.30 1.42 7.40
C THR E 309 1.00 2.08 7.77
N LYS E 310 0.95 3.13 8.58
CA LYS E 310 2.14 3.92 8.91
C LYS E 310 2.70 3.56 10.28
N GLY E 311 1.91 3.70 11.33
CA GLY E 311 2.36 3.37 12.67
C GLY E 311 1.93 4.36 13.74
N GLN E 312 1.69 5.61 13.34
CA GLN E 312 1.26 6.64 14.27
C GLN E 312 0.28 7.57 13.56
N VAL E 313 -0.74 8.02 14.29
CA VAL E 313 -1.79 8.85 13.71
C VAL E 313 -2.38 9.73 14.79
N VAL E 314 -2.76 10.94 14.40
CA VAL E 314 -3.49 11.88 15.26
C VAL E 314 -4.86 12.10 14.63
N SER E 315 -5.91 11.76 15.38
CA SER E 315 -7.26 11.89 14.85
C SER E 315 -7.76 13.30 14.92
N GLY E 316 -9.02 13.52 14.53
CA GLY E 316 -9.61 14.84 14.53
C GLY E 316 -10.43 15.10 15.77
N GLN E 317 -11.73 15.30 15.60
CA GLN E 317 -12.65 15.55 16.71
C GLN E 317 -13.89 14.69 16.48
N TYR E 318 -13.90 13.50 17.06
CA TYR E 318 -14.97 12.53 16.88
C TYR E 318 -15.78 12.41 18.15
N ARG E 319 -17.11 12.45 18.02
CA ARG E 319 -17.99 12.32 19.16
C ARG E 319 -17.89 10.90 19.73
N MET E 320 -17.99 10.79 21.04
CA MET E 320 -17.97 9.51 21.74
C MET E 320 -19.24 9.37 22.56
N LEU E 321 -19.92 8.23 22.43
CA LEU E 321 -21.18 8.03 23.13
C LEU E 321 -20.94 7.81 24.61
N ALA E 322 -21.85 8.34 25.42
CA ALA E 322 -21.78 8.19 26.88
C ALA E 322 -22.59 6.96 27.29
N LYS E 323 -22.82 6.81 28.59
CA LYS E 323 -23.55 5.67 29.13
C LYS E 323 -25.03 5.96 29.37
N HIS E 324 -25.45 7.23 29.30
CA HIS E 324 -26.84 7.59 29.55
C HIS E 324 -27.38 8.56 28.51
N GLY E 325 -26.70 8.71 27.39
CA GLY E 325 -27.13 9.60 26.33
C GLY E 325 -26.10 10.66 26.02
N GLY E 326 -26.32 11.33 24.89
CA GLY E 326 -25.42 12.38 24.47
C GLY E 326 -24.07 11.85 24.04
N TYR E 327 -23.10 12.75 23.98
CA TYR E 327 -21.75 12.40 23.57
C TYR E 327 -20.78 13.40 24.16
N VAL E 328 -19.50 13.01 24.17
CA VAL E 328 -18.41 13.88 24.59
C VAL E 328 -17.31 13.81 23.54
N TRP E 329 -16.80 14.96 23.13
CA TRP E 329 -15.77 15.01 22.11
C TRP E 329 -14.46 14.44 22.64
N LEU E 330 -13.60 14.02 21.72
CA LEU E 330 -12.31 13.43 22.09
C LEU E 330 -11.30 13.75 21.00
N GLU E 331 -10.07 13.28 21.21
CA GLU E 331 -9.01 13.41 20.22
C GLU E 331 -7.95 12.39 20.56
N THR E 332 -7.61 11.52 19.59
CA THR E 332 -6.76 10.37 19.84
C THR E 332 -5.42 10.54 19.16
N GLN E 333 -4.36 10.07 19.82
CA GLN E 333 -3.00 10.05 19.29
C GLN E 333 -2.52 8.60 19.38
N GLY E 334 -2.82 7.82 18.36
CA GLY E 334 -2.51 6.40 18.38
C GLY E 334 -1.03 6.11 18.22
N THR E 335 -0.68 4.87 18.53
CA THR E 335 0.68 4.39 18.38
C THR E 335 0.66 2.88 18.27
N VAL E 336 1.72 2.32 17.68
CA VAL E 336 1.86 0.89 17.46
C VAL E 336 3.15 0.42 18.11
N ILE E 337 3.09 -0.73 18.77
CA ILE E 337 4.23 -1.34 19.43
C ILE E 337 4.64 -2.57 18.62
N TYR E 338 5.94 -2.73 18.40
CA TYR E 338 6.47 -3.80 17.57
C TYR E 338 7.24 -4.79 18.43
N ASN E 339 7.12 -6.07 18.08
CA ASN E 339 7.84 -7.12 18.78
C ASN E 339 9.35 -6.96 18.55
N PRO E 340 10.18 -7.18 19.56
CA PRO E 340 11.63 -7.07 19.36
C PRO E 340 12.32 -8.33 18.86
N ARG E 341 11.58 -9.41 18.63
CA ARG E 341 12.16 -10.65 18.13
C ARG E 341 11.87 -10.90 16.66
N ASN E 342 10.71 -10.47 16.15
CA ASN E 342 10.38 -10.63 14.74
C ASN E 342 9.74 -9.39 14.13
N LEU E 343 9.67 -8.28 14.87
CA LEU E 343 9.11 -7.03 14.37
C LEU E 343 7.66 -7.22 13.90
N GLN E 344 6.92 -8.10 14.58
CA GLN E 344 5.50 -8.29 14.29
C GLN E 344 4.67 -7.38 15.19
N PRO E 345 3.80 -6.54 14.64
CA PRO E 345 3.05 -5.61 15.49
C PRO E 345 2.27 -6.34 16.57
N GLN E 346 2.35 -5.82 17.80
CA GLN E 346 1.74 -6.46 18.96
C GLN E 346 0.36 -5.89 19.27
N CYS E 347 0.29 -4.59 19.55
CA CYS E 347 -0.97 -3.97 19.95
C CYS E 347 -0.89 -2.47 19.66
N ILE E 348 -2.06 -1.84 19.65
CA ILE E 348 -2.18 -0.42 19.38
C ILE E 348 -2.40 0.31 20.69
N MET E 349 -1.56 1.29 20.97
CA MET E 349 -1.65 2.11 22.18
C MET E 349 -2.12 3.50 21.81
N CYS E 350 -3.08 4.03 22.56
CA CYS E 350 -3.71 5.31 22.26
C CYS E 350 -3.75 6.18 23.49
N VAL E 351 -3.72 7.49 23.26
CA VAL E 351 -3.89 8.51 24.29
C VAL E 351 -5.06 9.38 23.89
N ASN E 352 -5.98 9.59 24.82
CA ASN E 352 -7.25 10.26 24.54
C ASN E 352 -7.34 11.57 25.32
N TYR E 353 -7.74 12.62 24.62
CA TYR E 353 -8.06 13.90 25.23
C TYR E 353 -9.57 14.08 25.29
N VAL E 354 -10.00 15.03 26.11
CA VAL E 354 -11.41 15.40 26.22
C VAL E 354 -11.52 16.91 26.02
N LEU E 355 -12.46 17.33 25.17
CA LEU E 355 -12.59 18.73 24.80
C LEU E 355 -13.85 19.39 25.34
N SER E 356 -14.72 18.65 26.02
CA SER E 356 -15.96 19.23 26.56
C SER E 356 -16.59 18.23 27.51
N GLU E 357 -17.75 18.59 28.03
CA GLU E 357 -18.53 17.74 28.91
C GLU E 357 -19.67 17.08 28.13
N ILE E 358 -20.55 16.39 28.85
CA ILE E 358 -21.65 15.70 28.21
C ILE E 358 -22.61 16.71 27.58
N GLU E 359 -22.98 16.47 26.33
CA GLU E 359 -23.89 17.34 25.59
C GLU E 359 -25.08 16.53 25.11
N LYS E 360 -26.28 17.13 25.20
CA LYS E 360 -27.52 16.46 24.83
C LYS E 360 -27.69 15.16 25.62
N ASN E 361 -27.83 15.33 26.94
CA ASN E 361 -27.91 14.19 27.86
C ASN E 361 -29.32 13.63 27.97
N ASP E 362 -30.31 14.22 27.31
CA ASP E 362 -31.69 13.77 27.40
C ASP E 362 -32.15 13.01 26.17
N VAL E 363 -31.22 12.44 25.41
CA VAL E 363 -31.55 11.66 24.21
C VAL E 363 -30.81 10.33 24.28
N VAL E 364 -31.37 9.33 23.61
CA VAL E 364 -30.79 7.99 23.54
C VAL E 364 -30.52 7.67 22.08
N PHE E 365 -29.29 7.23 21.79
CA PHE E 365 -28.87 6.95 20.42
C PHE E 365 -28.78 5.44 20.15
N SER E 366 -27.96 4.74 20.92
CA SER E 366 -27.73 3.32 20.68
C SER E 366 -28.56 2.41 21.57
N MET E 367 -28.45 1.10 21.34
CA MET E 367 -29.20 0.13 22.14
C MET E 367 -28.60 0.00 23.53
N ASP E 368 -27.27 0.05 23.63
CA ASP E 368 -26.62 -0.12 24.93
C ASP E 368 -27.06 0.96 25.91
N GLN E 369 -27.11 2.21 25.44
CA GLN E 369 -27.49 3.31 26.33
C GLN E 369 -28.94 3.21 26.77
N THR E 370 -29.80 2.62 25.94
CA THR E 370 -31.21 2.47 26.28
C THR E 370 -31.37 1.65 27.56
N HIS F 5 31.57 4.29 -12.88
CA HIS F 5 32.48 5.38 -13.18
C HIS F 5 31.91 6.30 -14.25
N SER F 6 31.76 5.76 -15.46
CA SER F 6 31.26 6.56 -16.57
C SER F 6 29.85 7.06 -16.30
N GLU F 7 28.98 6.17 -15.80
CA GLU F 7 27.61 6.57 -15.51
C GLU F 7 27.56 7.64 -14.42
N ILE F 8 28.36 7.46 -13.37
CA ILE F 8 28.38 8.44 -12.28
C ILE F 8 28.86 9.79 -12.79
N GLU F 9 29.92 9.80 -13.60
CA GLU F 9 30.43 11.06 -14.14
C GLU F 9 29.40 11.72 -15.05
N ARG F 10 28.71 10.93 -15.88
CA ARG F 10 27.69 11.50 -16.75
C ARG F 10 26.55 12.11 -15.94
N ARG F 11 26.11 11.41 -14.88
CA ARG F 11 25.05 11.96 -14.04
C ARG F 11 25.50 13.23 -13.35
N ARG F 12 26.75 13.26 -12.87
CA ARG F 12 27.25 14.48 -12.22
C ARG F 12 27.31 15.64 -13.19
N ARG F 13 27.76 15.39 -14.42
CA ARG F 13 27.82 16.45 -15.42
C ARG F 13 26.42 16.96 -15.75
N ASN F 14 25.45 16.04 -15.90
CA ASN F 14 24.08 16.46 -16.19
C ASN F 14 23.52 17.30 -15.04
N LYS F 15 23.76 16.88 -13.80
CA LYS F 15 23.27 17.65 -12.66
C LYS F 15 23.91 19.03 -12.62
N MET F 16 25.21 19.11 -12.88
CA MET F 16 25.88 20.41 -12.89
C MET F 16 25.32 21.31 -13.98
N THR F 17 25.08 20.75 -15.17
CA THR F 17 24.49 21.54 -16.25
C THR F 17 23.10 22.04 -15.88
N ALA F 18 22.28 21.18 -15.27
CA ALA F 18 20.95 21.59 -14.86
C ALA F 18 21.02 22.71 -13.82
N TYR F 19 21.93 22.58 -12.85
CA TYR F 19 22.08 23.62 -11.85
C TYR F 19 22.52 24.93 -12.48
N ILE F 20 23.45 24.87 -13.44
CA ILE F 20 23.90 26.08 -14.12
C ILE F 20 22.74 26.74 -14.85
N THR F 21 21.94 25.94 -15.55
CA THR F 21 20.81 26.51 -16.29
C THR F 21 19.81 27.15 -15.34
N GLU F 22 19.50 26.48 -14.22
CA GLU F 22 18.57 27.05 -13.26
C GLU F 22 19.09 28.36 -12.67
N LEU F 23 20.39 28.39 -12.33
CA LEU F 23 20.97 29.62 -11.79
C LEU F 23 20.95 30.73 -12.83
N SER F 24 21.22 30.41 -14.10
CA SER F 24 21.13 31.42 -15.15
C SER F 24 19.71 31.97 -15.25
N ASP F 25 18.71 31.09 -15.19
CA ASP F 25 17.32 31.55 -15.24
C ASP F 25 17.00 32.44 -14.05
N MET F 26 17.57 32.12 -12.88
CA MET F 26 17.27 32.89 -11.67
C MET F 26 17.74 34.33 -11.82
N VAL F 27 18.95 34.53 -12.32
CA VAL F 27 19.53 35.88 -12.43
C VAL F 27 18.80 36.66 -13.50
N PRO F 28 18.74 38.00 -13.42
CA PRO F 28 18.03 38.76 -14.44
C PRO F 28 18.87 39.04 -15.68
N THR F 29 20.19 39.14 -15.50
CA THR F 29 21.06 39.47 -16.63
C THR F 29 21.04 38.37 -17.68
N PRO F 37 25.18 32.73 -22.04
CA PRO F 37 26.55 33.01 -21.60
C PRO F 37 27.47 31.81 -21.77
N ASP F 38 28.73 31.94 -21.35
CA ASP F 38 29.75 30.94 -21.59
C ASP F 38 30.03 30.05 -20.38
N LYS F 39 29.03 29.89 -19.50
CA LYS F 39 29.16 29.05 -18.27
C LYS F 39 30.06 29.68 -17.22
N LEU F 40 30.85 30.67 -17.60
CA LEU F 40 31.77 31.31 -16.68
C LEU F 40 31.28 32.70 -16.28
N THR F 41 30.74 33.45 -17.24
CA THR F 41 30.11 34.73 -16.91
C THR F 41 28.85 34.54 -16.08
N ILE F 42 28.23 33.37 -16.13
CA ILE F 42 27.01 33.12 -15.36
C ILE F 42 27.31 33.22 -13.87
N LEU F 43 28.39 32.57 -13.42
CA LEU F 43 28.75 32.62 -12.01
C LEU F 43 29.10 34.04 -11.59
N ARG F 44 29.82 34.77 -12.45
CA ARG F 44 30.17 36.15 -12.12
C ARG F 44 28.91 37.00 -11.96
N MET F 45 27.95 36.82 -12.86
CA MET F 45 26.70 37.56 -12.77
C MET F 45 25.97 37.20 -11.50
N ALA F 46 25.92 35.91 -11.19
CA ALA F 46 25.20 35.46 -10.00
C ALA F 46 25.82 36.05 -8.73
N VAL F 47 27.14 36.05 -8.64
CA VAL F 47 27.79 36.55 -7.44
C VAL F 47 27.61 38.07 -7.38
N SER F 48 27.61 38.74 -8.53
CA SER F 48 27.38 40.18 -8.54
C SER F 48 26.00 40.45 -8.00
N HIS F 49 25.01 39.74 -8.52
CA HIS F 49 23.63 39.95 -8.07
C HIS F 49 23.48 39.68 -6.58
N MET F 50 24.12 38.62 -6.09
CA MET F 50 24.07 38.32 -4.66
C MET F 50 24.71 39.44 -3.84
N LYS F 51 25.79 40.04 -4.35
CA LYS F 51 26.43 41.14 -3.65
C LYS F 51 25.48 42.32 -3.49
N SER F 52 24.71 42.63 -4.55
CA SER F 52 23.77 43.74 -4.46
C SER F 52 22.73 43.48 -3.37
N LEU F 53 22.21 42.26 -3.28
CA LEU F 53 21.30 41.89 -2.22
C LEU F 53 22.08 41.55 -0.95
N ARG F 54 21.37 41.12 0.09
CA ARG F 54 22.05 40.69 1.30
C ARG F 54 23.17 41.65 1.69
N PRO F 67 24.28 35.24 11.06
CA PRO F 67 23.97 35.24 9.62
C PRO F 67 23.26 33.98 9.17
N SER F 68 21.93 34.04 9.08
CA SER F 68 21.11 32.92 8.67
C SER F 68 20.49 33.19 7.30
N PHE F 69 19.80 32.17 6.78
CA PHE F 69 19.21 32.29 5.45
C PHE F 69 18.17 33.40 5.40
N LEU F 70 17.33 33.49 6.42
CA LEU F 70 16.24 34.46 6.46
C LEU F 70 16.25 35.19 7.80
N THR F 71 15.80 36.45 7.77
CA THR F 71 15.69 37.23 8.97
C THR F 71 14.50 36.77 9.82
N ASP F 72 14.50 37.19 11.08
CA ASP F 72 13.45 36.76 11.99
C ASP F 72 12.08 37.23 11.53
N GLN F 73 11.98 38.48 11.07
CA GLN F 73 10.70 38.97 10.58
C GLN F 73 10.25 38.22 9.33
N GLU F 74 11.18 37.91 8.43
CA GLU F 74 10.83 37.14 7.25
C GLU F 74 10.38 35.73 7.62
N LEU F 75 10.92 35.17 8.71
CA LEU F 75 10.47 33.86 9.16
C LEU F 75 9.09 33.94 9.81
N LYS F 76 8.82 35.02 10.54
CA LYS F 76 7.49 35.22 11.10
C LYS F 76 6.45 35.36 10.01
N HIS F 77 6.79 36.10 8.94
CA HIS F 77 5.85 36.28 7.84
C HIS F 77 5.46 34.95 7.21
N LEU F 78 6.32 33.95 7.30
CA LEU F 78 6.03 32.63 6.76
C LEU F 78 5.31 31.75 7.77
N ILE F 79 5.70 31.83 9.05
CA ILE F 79 5.04 31.03 10.08
C ILE F 79 3.58 31.44 10.21
N LEU F 80 3.31 32.74 10.21
CA LEU F 80 1.93 33.21 10.33
C LEU F 80 1.10 32.88 9.10
N GLU F 81 1.73 32.71 7.94
CA GLU F 81 1.00 32.33 6.73
C GLU F 81 0.80 30.83 6.62
N ALA F 82 1.66 30.02 7.25
CA ALA F 82 1.51 28.58 7.21
C ALA F 82 0.63 28.06 8.35
N ALA F 83 1.02 28.32 9.59
CA ALA F 83 0.27 27.84 10.73
C ALA F 83 -1.10 28.49 10.81
N ASP F 84 -1.18 29.79 10.50
CA ASP F 84 -2.41 30.57 10.63
C ASP F 84 -2.85 30.65 12.09
N GLY F 85 -1.94 31.14 12.92
CA GLY F 85 -2.18 31.30 14.35
C GLY F 85 -1.77 32.68 14.80
N PHE F 86 -1.18 32.74 16.00
CA PHE F 86 -0.71 33.99 16.59
C PHE F 86 0.09 33.64 17.83
N LEU F 87 0.65 34.68 18.46
CA LEU F 87 1.45 34.52 19.67
C LEU F 87 0.83 35.33 20.80
N PHE F 88 0.78 34.73 21.98
CA PHE F 88 0.25 35.38 23.17
C PHE F 88 1.08 34.98 24.38
N ILE F 89 1.29 35.92 25.29
CA ILE F 89 2.10 35.72 26.48
C ILE F 89 1.20 35.82 27.70
N VAL F 90 1.30 34.83 28.59
CA VAL F 90 0.51 34.79 29.81
C VAL F 90 1.42 34.58 31.00
N SER F 91 0.97 35.01 32.16
CA SER F 91 1.74 34.89 33.39
C SER F 91 1.49 33.53 34.05
N CYS F 92 2.39 33.17 34.97
CA CYS F 92 2.32 31.90 35.67
C CYS F 92 1.78 32.05 37.10
N GLU F 93 1.24 33.23 37.44
CA GLU F 93 0.75 33.49 38.79
C GLU F 93 -0.76 33.61 38.85
N THR F 94 -1.36 34.47 38.03
CA THR F 94 -2.80 34.69 38.06
C THR F 94 -3.42 34.64 36.66
N GLY F 95 -2.73 34.01 35.71
CA GLY F 95 -3.26 33.94 34.35
C GLY F 95 -3.43 35.29 33.70
N ARG F 96 -2.49 36.20 33.93
CA ARG F 96 -2.53 37.53 33.34
C ARG F 96 -1.80 37.55 32.01
N VAL F 97 -2.19 38.47 31.15
CA VAL F 97 -1.61 38.62 29.82
C VAL F 97 -0.77 39.90 29.79
N VAL F 98 0.48 39.77 29.35
CA VAL F 98 1.39 40.91 29.26
C VAL F 98 1.41 41.49 27.87
N TYR F 99 1.50 40.64 26.84
CA TYR F 99 1.52 41.10 25.46
C TYR F 99 0.91 40.02 24.58
N VAL F 100 0.14 40.44 23.58
CA VAL F 100 -0.47 39.54 22.61
C VAL F 100 -0.22 40.10 21.21
N SER F 101 0.11 39.21 20.28
CA SER F 101 0.39 39.64 18.91
C SER F 101 -0.84 40.27 18.28
N ASP F 102 -0.61 41.17 17.33
CA ASP F 102 -1.70 41.87 16.65
C ASP F 102 -2.50 40.97 15.72
N SER F 103 -2.04 39.74 15.47
CA SER F 103 -2.72 38.84 14.56
C SER F 103 -4.05 38.31 15.10
N VAL F 104 -4.43 38.69 16.33
CA VAL F 104 -5.70 38.22 16.89
C VAL F 104 -6.91 38.96 16.33
N THR F 105 -6.71 39.89 15.40
CA THR F 105 -7.84 40.57 14.77
C THR F 105 -8.48 39.68 13.71
N PRO F 106 -7.71 39.17 12.73
CA PRO F 106 -8.32 38.27 11.73
C PRO F 106 -8.97 37.05 12.36
N VAL F 107 -8.33 36.51 13.41
CA VAL F 107 -8.81 35.27 14.01
C VAL F 107 -9.40 35.56 15.38
N LEU F 108 -10.39 34.77 15.78
CA LEU F 108 -11.17 34.97 17.00
C LEU F 108 -11.99 36.25 16.97
N ASN F 109 -11.96 36.96 15.85
CA ASN F 109 -12.79 38.16 15.65
C ASN F 109 -12.80 39.16 16.80
N GLN F 110 -11.65 39.50 17.36
CA GLN F 110 -11.68 40.41 18.49
C GLN F 110 -10.52 41.38 18.43
N PRO F 111 -10.64 42.54 19.07
CA PRO F 111 -9.55 43.51 19.08
C PRO F 111 -8.53 43.21 20.16
N GLN F 112 -7.37 43.88 20.05
CA GLN F 112 -6.31 43.70 21.02
C GLN F 112 -6.65 44.28 22.38
N SER F 113 -7.64 45.18 22.46
CA SER F 113 -7.97 45.81 23.73
C SER F 113 -8.43 44.79 24.75
N GLU F 114 -9.29 43.85 24.35
CA GLU F 114 -9.77 42.84 25.29
C GLU F 114 -8.62 41.95 25.77
N TRP F 115 -7.73 41.57 24.87
CA TRP F 115 -6.59 40.72 25.21
C TRP F 115 -5.40 41.54 25.68
N PHE F 116 -5.61 42.36 26.71
CA PHE F 116 -4.51 43.13 27.28
C PHE F 116 -4.91 43.56 28.70
N GLY F 117 -4.21 43.04 29.70
CA GLY F 117 -4.53 43.33 31.08
C GLY F 117 -5.65 42.50 31.66
N SER F 118 -6.24 41.60 30.88
CA SER F 118 -7.32 40.75 31.36
C SER F 118 -6.75 39.43 31.86
N THR F 119 -7.61 38.46 32.12
CA THR F 119 -7.22 37.15 32.59
C THR F 119 -7.53 36.10 31.52
N LEU F 120 -6.58 35.18 31.33
CA LEU F 120 -6.78 34.13 30.32
C LEU F 120 -7.98 33.26 30.69
N TYR F 121 -8.14 32.96 31.98
CA TYR F 121 -9.25 32.10 32.40
C TYR F 121 -10.60 32.71 32.05
N ASP F 122 -10.68 34.01 31.84
CA ASP F 122 -11.92 34.68 31.47
C ASP F 122 -12.17 34.70 29.97
N GLN F 123 -11.23 34.19 29.16
CA GLN F 123 -11.35 34.19 27.71
C GLN F 123 -11.54 32.78 27.16
N VAL F 124 -11.88 31.80 28.00
CA VAL F 124 -12.07 30.42 27.58
C VAL F 124 -13.42 29.94 28.10
N HIS F 125 -13.84 28.79 27.62
CA HIS F 125 -15.12 28.23 28.04
C HIS F 125 -15.10 27.98 29.55
N PRO F 126 -16.21 28.25 30.26
CA PRO F 126 -16.19 28.03 31.71
C PRO F 126 -15.89 26.60 32.10
N ASP F 127 -16.30 25.62 31.29
CA ASP F 127 -16.06 24.22 31.61
C ASP F 127 -14.64 23.78 31.38
N ASP F 128 -13.82 24.59 30.71
CA ASP F 128 -12.44 24.23 30.39
C ASP F 128 -11.42 24.92 31.30
N VAL F 129 -11.89 25.55 32.38
CA VAL F 129 -10.96 26.27 33.26
C VAL F 129 -9.98 25.31 33.92
N ASP F 130 -10.46 24.13 34.33
CA ASP F 130 -9.59 23.20 35.05
C ASP F 130 -8.43 22.75 34.19
N LYS F 131 -8.66 22.51 32.91
CA LYS F 131 -7.57 22.07 32.06
C LYS F 131 -6.48 23.12 32.02
N LEU F 132 -6.85 24.37 31.72
CA LEU F 132 -5.86 25.43 31.66
C LEU F 132 -5.20 25.66 33.01
N ARG F 133 -5.97 25.58 34.09
CA ARG F 133 -5.40 25.79 35.42
C ARG F 133 -4.33 24.75 35.72
N GLU F 134 -4.60 23.51 35.34
CA GLU F 134 -3.64 22.45 35.57
C GLU F 134 -2.43 22.61 34.68
N GLN F 135 -2.65 22.84 33.40
CA GLN F 135 -1.55 22.91 32.45
C GLN F 135 -0.62 24.08 32.76
N LEU F 136 -1.17 25.25 33.09
CA LEU F 136 -0.35 26.42 33.32
C LEU F 136 0.56 26.24 34.53
N SER F 137 0.01 25.69 35.61
CA SER F 137 0.78 25.48 36.84
C SER F 137 1.51 24.14 36.80
N SER F 170 10.34 21.57 30.28
CA SER F 170 9.72 22.88 30.45
C SER F 170 8.75 23.20 29.32
N ARG F 171 8.25 22.14 28.67
CA ARG F 171 7.32 22.32 27.57
C ARG F 171 5.90 22.05 27.97
N ARG F 172 4.96 22.54 27.18
CA ARG F 172 3.54 22.45 27.50
C ARG F 172 2.76 22.24 26.22
N SER F 173 1.55 21.70 26.37
CA SER F 173 0.66 21.48 25.24
C SER F 173 -0.71 21.09 25.77
N PHE F 174 -1.74 21.59 25.11
CA PHE F 174 -3.13 21.29 25.50
C PHE F 174 -4.04 21.84 24.41
N ILE F 175 -5.33 21.55 24.56
CA ILE F 175 -6.36 22.01 23.63
C ILE F 175 -7.46 22.69 24.42
N CYS F 176 -7.87 23.88 23.98
CA CYS F 176 -8.92 24.63 24.65
C CYS F 176 -9.78 25.30 23.59
N ARG F 177 -10.65 26.21 24.03
CA ARG F 177 -11.62 26.87 23.16
C ARG F 177 -11.76 28.32 23.64
N MET F 178 -10.99 29.21 23.02
CA MET F 178 -11.07 30.62 23.38
C MET F 178 -12.35 31.26 22.85
N ARG F 179 -12.73 32.38 23.45
CA ARG F 179 -13.93 33.08 23.04
C ARG F 179 -13.71 33.76 21.68
N CYS F 180 -14.81 33.98 20.97
CA CYS F 180 -14.76 34.65 19.67
C CYS F 180 -15.90 35.65 19.53
N PHE F 214 -17.60 29.96 19.46
CA PHE F 214 -16.40 29.36 20.04
C PHE F 214 -15.62 28.58 18.98
N VAL F 215 -14.31 28.48 19.17
CA VAL F 215 -13.42 27.82 18.24
C VAL F 215 -12.54 26.83 19.01
N VAL F 216 -11.67 26.15 18.28
CA VAL F 216 -10.73 25.19 18.85
C VAL F 216 -9.32 25.62 18.48
N VAL F 217 -8.45 25.77 19.48
CA VAL F 217 -7.09 26.23 19.29
C VAL F 217 -6.15 25.24 19.98
N HIS F 218 -5.03 24.94 19.33
CA HIS F 218 -4.05 23.98 19.84
C HIS F 218 -2.86 24.75 20.40
N CYS F 219 -2.98 25.13 21.66
CA CYS F 219 -1.93 25.90 22.31
C CYS F 219 -0.68 25.06 22.50
N THR F 220 0.47 25.64 22.16
CA THR F 220 1.77 25.01 22.36
C THR F 220 2.78 26.08 22.72
N GLY F 221 3.70 25.76 23.62
CA GLY F 221 4.66 26.75 24.05
C GLY F 221 5.66 26.16 25.03
N TYR F 222 6.33 27.05 25.75
CA TYR F 222 7.34 26.66 26.73
C TYR F 222 7.32 27.69 27.87
N ILE F 223 8.30 27.59 28.76
CA ILE F 223 8.41 28.45 29.93
C ILE F 223 9.77 29.12 29.92
N LYS F 224 9.78 30.44 30.13
CA LYS F 224 11.02 31.20 30.20
C LYS F 224 10.98 32.12 31.42
N ALA F 225 12.16 32.44 31.94
CA ALA F 225 12.26 33.26 33.13
C ALA F 225 11.72 34.66 32.86
N TRP F 226 10.96 35.19 33.82
CA TRP F 226 10.40 36.53 33.72
C TRP F 226 9.94 37.02 35.09
N PHE F 246 7.78 34.01 36.65
CA PHE F 246 7.70 33.04 35.57
C PHE F 246 6.56 33.36 34.62
N CYS F 247 6.84 33.27 33.32
CA CYS F 247 5.86 33.54 32.29
C CYS F 247 5.89 32.43 31.25
N LEU F 248 4.75 32.23 30.58
CA LEU F 248 4.59 31.18 29.58
C LEU F 248 4.44 31.83 28.20
N VAL F 249 5.25 31.36 27.25
CA VAL F 249 5.18 31.83 25.87
C VAL F 249 4.65 30.68 25.03
N ALA F 250 3.55 30.92 24.33
CA ALA F 250 2.92 29.89 23.52
C ALA F 250 2.35 30.51 22.26
N ILE F 251 2.23 29.70 21.21
CA ILE F 251 1.72 30.14 19.92
C ILE F 251 0.37 29.47 19.68
N GLY F 252 -0.65 30.27 19.43
CA GLY F 252 -1.95 29.73 19.10
C GLY F 252 -1.92 28.99 17.77
N ARG F 253 -3.13 28.59 17.36
CA ARG F 253 -3.26 27.82 16.15
C ARG F 253 -4.74 27.64 15.85
N LEU F 254 -5.08 27.10 14.69
CA LEU F 254 -6.46 26.79 14.35
C LEU F 254 -6.48 25.51 13.53
N GLN F 255 -7.60 24.79 13.61
CA GLN F 255 -7.72 23.51 12.92
C GLN F 255 -8.86 23.56 11.92
N THR F 272 -32.98 16.77 5.89
CA THR F 272 -33.68 15.72 5.16
C THR F 272 -32.96 14.39 5.30
N GLU F 273 -31.63 14.43 5.38
CA GLU F 273 -30.86 13.22 5.54
C GLU F 273 -31.10 12.60 6.91
N PHE F 274 -30.75 11.32 7.02
CA PHE F 274 -30.94 10.58 8.28
C PHE F 274 -30.01 9.38 8.27
N ILE F 275 -29.06 9.36 9.19
CA ILE F 275 -28.06 8.29 9.26
C ILE F 275 -28.44 7.33 10.37
N SER F 276 -28.14 6.06 10.17
CA SER F 276 -28.45 5.03 11.16
C SER F 276 -27.69 3.75 10.80
N ARG F 277 -27.10 3.13 11.82
CA ARG F 277 -26.41 1.86 11.62
C ARG F 277 -27.41 0.72 11.61
N HIS F 278 -26.91 -0.48 11.31
CA HIS F 278 -27.77 -1.66 11.26
C HIS F 278 -26.90 -2.90 11.45
N ASN F 279 -27.54 -3.95 11.97
CA ASN F 279 -26.87 -5.22 12.17
C ASN F 279 -26.97 -6.02 10.88
N ILE F 280 -26.36 -7.19 10.84
CA ILE F 280 -26.37 -8.00 9.62
C ILE F 280 -27.80 -8.39 9.26
N GLU F 281 -28.57 -8.84 10.24
CA GLU F 281 -29.94 -9.25 9.97
C GLU F 281 -30.79 -8.08 9.49
N GLY F 282 -30.65 -6.92 10.14
CA GLY F 282 -31.41 -5.75 9.77
C GLY F 282 -32.04 -5.04 10.96
N ILE F 283 -31.74 -5.51 12.17
CA ILE F 283 -32.28 -4.90 13.37
C ILE F 283 -31.59 -3.56 13.61
N PHE F 284 -32.37 -2.55 13.97
CA PHE F 284 -31.82 -1.23 14.23
C PHE F 284 -30.82 -1.30 15.39
N THR F 285 -29.76 -0.50 15.27
CA THR F 285 -28.74 -0.42 16.31
C THR F 285 -28.33 1.01 16.64
N PHE F 286 -28.70 1.99 15.83
CA PHE F 286 -28.35 3.38 16.06
C PHE F 286 -29.16 4.26 15.13
N VAL F 287 -29.68 5.36 15.67
CA VAL F 287 -30.44 6.33 14.88
C VAL F 287 -30.08 7.73 15.37
N ASP F 288 -29.79 8.61 14.42
CA ASP F 288 -29.46 9.99 14.73
C ASP F 288 -30.66 10.73 15.28
N HIS F 289 -30.43 11.87 15.91
CA HIS F 289 -31.54 12.66 16.42
C HIS F 289 -32.38 13.28 15.32
N ARG F 290 -31.91 13.25 14.07
CA ARG F 290 -32.67 13.82 12.96
C ARG F 290 -33.94 13.03 12.66
N CYS F 291 -34.10 11.83 13.22
CA CYS F 291 -35.30 11.05 12.98
C CYS F 291 -36.54 11.78 13.46
N VAL F 292 -36.41 12.68 14.43
CA VAL F 292 -37.57 13.41 14.94
C VAL F 292 -38.21 14.23 13.83
N ALA F 293 -37.39 14.80 12.94
CA ALA F 293 -37.88 15.64 11.85
C ALA F 293 -38.03 14.87 10.54
N THR F 294 -37.09 13.99 10.21
CA THR F 294 -37.14 13.29 8.93
C THR F 294 -38.37 12.39 8.84
N VAL F 295 -38.69 11.67 9.90
CA VAL F 295 -39.82 10.75 9.92
C VAL F 295 -40.86 11.24 10.92
N GLY F 296 -40.47 11.33 12.19
CA GLY F 296 -41.36 11.80 13.23
C GLY F 296 -41.20 11.06 14.54
N TYR F 297 -40.61 9.87 14.50
CA TYR F 297 -40.44 9.07 15.69
C TYR F 297 -39.27 9.61 16.53
N GLN F 298 -39.23 9.18 17.79
CA GLN F 298 -38.13 9.52 18.66
C GLN F 298 -36.96 8.57 18.43
N PRO F 299 -35.73 9.00 18.75
CA PRO F 299 -34.58 8.12 18.49
C PRO F 299 -34.60 6.83 19.27
N GLN F 300 -35.35 6.76 20.37
CA GLN F 300 -35.39 5.56 21.22
C GLN F 300 -36.51 4.61 20.84
N GLU F 301 -37.26 4.89 19.78
CA GLU F 301 -38.37 4.03 19.35
C GLU F 301 -37.96 3.06 18.25
N LEU F 302 -37.22 3.54 17.25
CA LEU F 302 -36.80 2.67 16.15
C LEU F 302 -35.83 1.58 16.60
N LEU F 303 -35.07 1.82 17.67
CA LEU F 303 -34.07 0.86 18.10
C LEU F 303 -34.73 -0.45 18.51
N GLY F 304 -34.14 -1.56 18.06
CA GLY F 304 -34.62 -2.87 18.40
C GLY F 304 -35.70 -3.43 17.49
N LYS F 305 -36.17 -2.65 16.52
CA LYS F 305 -37.22 -3.07 15.60
C LYS F 305 -36.65 -3.15 14.20
N ASN F 306 -36.98 -4.23 13.49
CA ASN F 306 -36.50 -4.42 12.13
C ASN F 306 -37.02 -3.32 11.21
N ILE F 307 -36.19 -2.92 10.26
CA ILE F 307 -36.57 -1.87 9.32
C ILE F 307 -37.73 -2.34 8.44
N VAL F 308 -37.75 -3.63 8.09
CA VAL F 308 -38.79 -4.14 7.21
C VAL F 308 -40.16 -3.97 7.84
N GLU F 309 -40.23 -3.97 9.17
CA GLU F 309 -41.51 -3.77 9.85
C GLU F 309 -42.09 -2.39 9.53
N PHE F 310 -41.21 -1.38 9.40
CA PHE F 310 -41.66 -0.03 9.11
C PHE F 310 -41.84 0.23 7.62
N CYS F 311 -41.53 -0.76 6.78
CA CYS F 311 -41.65 -0.62 5.33
C CYS F 311 -43.02 -1.06 4.82
N HIS F 312 -43.39 -0.60 3.62
CA HIS F 312 -44.68 -0.96 3.06
C HIS F 312 -44.76 -2.47 2.83
N PRO F 313 -45.92 -3.09 3.01
CA PRO F 313 -46.02 -4.54 2.76
C PRO F 313 -45.65 -4.92 1.35
N GLU F 314 -45.87 -4.04 0.38
CA GLU F 314 -45.58 -4.37 -1.01
C GLU F 314 -44.10 -4.30 -1.33
N ASP F 315 -43.37 -3.47 -0.58
CA ASP F 315 -41.94 -3.27 -0.84
C ASP F 315 -41.03 -4.15 0.01
N GLN F 316 -41.62 -5.01 0.84
CA GLN F 316 -40.80 -5.81 1.74
C GLN F 316 -39.82 -6.68 0.97
N GLN F 317 -40.25 -7.24 -0.15
CA GLN F 317 -39.40 -8.16 -0.90
C GLN F 317 -38.13 -7.46 -1.39
N LEU F 318 -38.28 -6.25 -1.94
CA LEU F 318 -37.12 -5.53 -2.45
C LEU F 318 -36.13 -5.21 -1.34
N LEU F 319 -36.63 -4.71 -0.21
CA LEU F 319 -35.74 -4.38 0.91
C LEU F 319 -35.04 -5.63 1.44
N ARG F 320 -35.77 -6.73 1.57
CA ARG F 320 -35.15 -7.97 2.04
C ARG F 320 -34.06 -8.44 1.09
N ASP F 321 -34.34 -8.41 -0.22
CA ASP F 321 -33.34 -8.83 -1.19
C ASP F 321 -32.12 -7.94 -1.12
N SER F 322 -32.32 -6.62 -1.01
CA SER F 322 -31.18 -5.71 -0.92
C SER F 322 -30.37 -5.97 0.35
N PHE F 323 -31.04 -6.22 1.47
CA PHE F 323 -30.34 -6.46 2.73
C PHE F 323 -29.55 -7.76 2.71
N GLN F 324 -30.05 -8.75 2.00
CA GLN F 324 -29.37 -10.02 1.91
C GLN F 324 -28.28 -9.99 0.85
N GLN F 325 -28.36 -9.02 -0.07
CA GLN F 325 -27.38 -8.93 -1.14
C GLN F 325 -26.23 -7.99 -0.82
N VAL F 326 -26.46 -6.99 0.05
CA VAL F 326 -25.41 -6.02 0.35
C VAL F 326 -24.24 -6.70 1.04
N VAL F 327 -24.52 -7.67 1.91
CA VAL F 327 -23.44 -8.38 2.60
C VAL F 327 -22.56 -9.09 1.59
N LYS F 328 -23.16 -9.71 0.58
CA LYS F 328 -22.37 -10.33 -0.48
C LYS F 328 -21.59 -9.29 -1.26
N LEU F 329 -22.21 -8.15 -1.55
CA LEU F 329 -21.55 -7.06 -2.27
C LEU F 329 -20.87 -6.15 -1.24
N LYS F 330 -19.66 -6.55 -0.87
CA LYS F 330 -18.90 -5.84 0.16
C LYS F 330 -17.91 -4.88 -0.48
N GLY F 331 -17.84 -3.67 0.08
CA GLY F 331 -16.92 -2.65 -0.36
C GLY F 331 -17.51 -1.56 -1.23
N GLN F 332 -18.70 -1.80 -1.79
CA GLN F 332 -19.37 -0.82 -2.64
C GLN F 332 -20.79 -0.61 -2.14
N VAL F 333 -21.24 0.64 -2.12
CA VAL F 333 -22.54 0.97 -1.60
C VAL F 333 -23.64 0.47 -2.53
N LEU F 334 -24.81 0.22 -1.97
CA LEU F 334 -26.00 -0.19 -2.71
C LEU F 334 -27.13 0.77 -2.39
N SER F 335 -27.94 1.09 -3.39
CA SER F 335 -29.03 2.04 -3.26
C SER F 335 -30.34 1.39 -3.66
N VAL F 336 -31.40 1.72 -2.92
CA VAL F 336 -32.74 1.19 -3.16
C VAL F 336 -33.76 2.29 -2.90
N MET F 337 -35.03 1.97 -3.11
CA MET F 337 -36.12 2.90 -2.86
C MET F 337 -37.34 2.12 -2.40
N PHE F 338 -38.10 2.72 -1.51
CA PHE F 338 -39.31 2.11 -0.95
C PHE F 338 -40.10 3.21 -0.26
N ARG F 339 -41.14 2.83 0.48
CA ARG F 339 -42.00 3.76 1.18
C ARG F 339 -41.81 3.60 2.69
N PHE F 340 -41.66 4.75 3.36
CA PHE F 340 -41.45 4.75 4.79
C PHE F 340 -42.66 5.36 5.49
N ARG F 341 -42.99 4.85 6.66
CA ARG F 341 -44.13 5.35 7.42
C ARG F 341 -43.74 6.65 8.13
N SER F 342 -44.65 7.13 8.98
CA SER F 342 -44.38 8.33 9.74
C SER F 342 -45.30 8.38 10.96
N LYS F 343 -45.04 9.29 11.88
CA LYS F 343 -45.83 9.36 13.10
C LYS F 343 -47.31 9.48 12.79
N ASN F 344 -47.66 10.21 11.74
CA ASN F 344 -49.02 10.28 11.23
C ASN F 344 -49.17 9.30 10.07
N GLN F 345 -50.19 8.45 10.13
CA GLN F 345 -50.36 7.40 9.14
C GLN F 345 -50.39 7.99 7.73
N GLU F 346 -49.36 7.67 6.95
CA GLU F 346 -49.23 8.15 5.57
C GLU F 346 -48.11 7.35 4.92
N TRP F 347 -47.71 7.77 3.72
CA TRP F 347 -46.64 7.13 2.98
C TRP F 347 -45.61 8.16 2.57
N LEU F 348 -44.34 7.73 2.58
CA LEU F 348 -43.22 8.58 2.23
C LEU F 348 -42.41 7.90 1.13
N TRP F 349 -41.35 8.56 0.68
CA TRP F 349 -40.45 8.01 -0.34
C TRP F 349 -39.01 8.29 0.11
N MET F 350 -38.37 7.27 0.69
CA MET F 350 -37.03 7.38 1.22
C MET F 350 -36.08 6.54 0.38
N ARG F 351 -34.99 7.16 -0.08
CA ARG F 351 -33.95 6.47 -0.83
C ARG F 351 -32.75 6.27 0.10
N THR F 352 -32.33 5.03 0.26
CA THR F 352 -31.26 4.66 1.18
C THR F 352 -30.05 4.17 0.40
N SER F 353 -28.86 4.53 0.89
CA SER F 353 -27.59 4.11 0.31
C SER F 353 -26.83 3.33 1.38
N SER F 354 -27.08 2.03 1.44
CA SER F 354 -26.52 1.17 2.48
C SER F 354 -25.26 0.47 1.95
N PHE F 355 -24.18 0.56 2.71
CA PHE F 355 -22.93 -0.11 2.39
C PHE F 355 -22.40 -0.81 3.62
N THR F 356 -21.90 -2.03 3.44
CA THR F 356 -21.41 -2.81 4.56
C THR F 356 -20.05 -2.28 5.02
N PHE F 357 -19.75 -2.52 6.29
CA PHE F 357 -18.52 -2.05 6.92
C PHE F 357 -17.64 -3.25 7.27
N GLN F 358 -16.35 -3.13 6.98
CA GLN F 358 -15.37 -4.16 7.31
C GLN F 358 -14.16 -3.50 7.97
N ASN F 359 -13.60 -4.18 8.97
CA ASN F 359 -12.45 -3.63 9.67
C ASN F 359 -11.28 -3.52 8.69
N PRO F 360 -10.52 -2.42 8.72
CA PRO F 360 -9.38 -2.31 7.81
C PRO F 360 -8.35 -3.42 7.97
N TYR F 361 -8.22 -3.97 9.17
CA TYR F 361 -7.21 -4.99 9.45
C TYR F 361 -7.77 -6.40 9.35
N SER F 362 -8.80 -6.71 10.15
CA SER F 362 -9.33 -8.06 10.20
C SER F 362 -10.31 -8.36 9.06
N ASP F 363 -10.96 -7.34 8.50
CA ASP F 363 -11.93 -7.54 7.43
C ASP F 363 -13.10 -8.42 7.91
N GLU F 364 -13.69 -7.97 9.02
CA GLU F 364 -14.78 -8.71 9.62
C GLU F 364 -16.04 -7.87 9.49
N ILE F 365 -17.12 -8.46 9.02
CA ILE F 365 -18.37 -7.73 8.90
C ILE F 365 -18.83 -7.32 10.30
N GLU F 366 -19.03 -6.01 10.48
CA GLU F 366 -19.45 -5.47 11.77
C GLU F 366 -20.86 -4.93 11.73
N TYR F 367 -21.12 -4.00 10.82
CA TYR F 367 -22.42 -3.36 10.77
C TYR F 367 -22.66 -2.86 9.35
N ILE F 368 -23.92 -2.58 9.06
CA ILE F 368 -24.36 -2.13 7.74
C ILE F 368 -24.86 -0.69 7.89
N ILE F 369 -24.03 0.27 7.52
CA ILE F 369 -24.44 1.67 7.55
C ILE F 369 -25.57 1.88 6.55
N CYS F 370 -26.52 2.76 6.90
CA CYS F 370 -27.65 3.08 6.05
C CYS F 370 -27.85 4.60 6.09
N THR F 371 -27.22 5.30 5.14
CA THR F 371 -27.33 6.76 5.04
C THR F 371 -28.68 7.10 4.41
N ASN F 372 -29.74 6.95 5.22
CA ASN F 372 -31.09 7.18 4.74
C ASN F 372 -31.22 8.61 4.21
N THR F 373 -31.83 8.74 3.03
CA THR F 373 -32.06 10.01 2.39
C THR F 373 -33.53 10.14 2.01
N ASN F 374 -34.07 11.35 2.12
CA ASN F 374 -35.47 11.62 1.82
C ASN F 374 -35.59 12.16 0.41
N VAL F 375 -36.48 11.57 -0.38
CA VAL F 375 -36.71 11.99 -1.75
C VAL F 375 -38.20 11.98 -2.05
#